data_3CMG
#
_entry.id   3CMG
#
_cell.length_a   79.651
_cell.length_b   102.878
_cell.length_c   199.967
_cell.angle_alpha   90.000
_cell.angle_beta   90.000
_cell.angle_gamma   90.000
#
_symmetry.space_group_name_H-M   'I 2 2 2'
#
loop_
_entity.id
_entity.type
_entity.pdbx_description
1 polymer 'Putative beta-galactosidase'
2 non-polymer 'PHOSPHATE ION'
3 non-polymer 'CHLORIDE ION'
4 non-polymer (4S)-2-METHYL-2,4-PENTANEDIOL
5 water water
#
_entity_poly.entity_id   1
_entity_poly.type   'polypeptide(L)'
_entity_poly.pdbx_seq_one_letter_code
;MSLRQDILLNNNWNFRFSHQVQGDTRRVDLPHTWNAQDALAGKIDYKRGIGNYEKALYIRPEWKGKRLFLRFDGVNSIAD
VFINRKHIGEHRGGYGAFIFEITDLVKYGEKNSVLVRANNGEQLDIMPLVGDFNFYGGIYRDVHLLITDETCISPLDYAS
PGVYLVQEVVSPQEAKVCAKVNLSNRAADGTAELQVLVTDGTKVICKESRNVSLKQGADILEQLPLLIQKPRLWNGCEDP
FMYQVSISLHKDGKQIDSVTQPLGLRYYHTDPDKGFFLNGKHLPLHGVCRHQDRAEVGNALRPQHHEEDVALMREMGVNA
IRLAHYPQATYMYDLMDKHGIVTWAEIPFVGPGGYADKGFVDQASFRENGKQQLIELIRQHYNHPSICFWGLFNELKEVG
DNPVEYVKELNALAKQEDPTRPTTSASNQDGNLNFITENIAWNRYDGWYGSTPKTLATFLDRTHKKHPELRIGISEYGAG
ASIYHQQDSLKQPSASGWWHPENWQTYYHMENWKIIAERPFVWGTFVWNMFDFGAAHRTEGDRPGINDKGLVTFDRKVRK
DAFYFYKANWNKQEPMIYLAEKRCRLRYQPEQTFMAFTTAPEAELFVNGVSCGKQKADTYSTVVWKNVKLTSGENIIRVT
TPGKKPLTDEVTVEYKEDREGHHHHHH
;
_entity_poly.pdbx_strand_id   A
#
loop_
_chem_comp.id
_chem_comp.type
_chem_comp.name
_chem_comp.formula
CL non-polymer 'CHLORIDE ION' 'Cl -1'
MPD non-polymer (4S)-2-METHYL-2,4-PENTANEDIOL 'C6 H14 O2'
PO4 non-polymer 'PHOSPHATE ION' 'O4 P -3'
#
# COMPACT_ATOMS: atom_id res chain seq x y z
N SER A 2 16.61 8.55 31.26
CA SER A 2 15.63 7.43 31.05
C SER A 2 14.54 7.80 30.05
N LEU A 3 14.79 8.82 29.23
CA LEU A 3 13.99 9.03 28.04
C LEU A 3 14.34 7.89 27.07
N ARG A 4 13.33 7.31 26.45
CA ARG A 4 13.53 6.24 25.45
C ARG A 4 14.33 6.81 24.25
N GLN A 5 15.35 6.10 23.79
CA GLN A 5 16.08 6.54 22.60
C GLN A 5 15.85 5.62 21.41
N ASP A 6 15.80 6.22 20.23
CA ASP A 6 15.60 5.50 19.00
C ASP A 6 16.68 5.96 18.01
N ILE A 7 17.69 5.12 17.80
CA ILE A 7 18.89 5.50 17.07
C ILE A 7 18.91 4.78 15.70
N LEU A 8 18.91 5.53 14.60
CA LEU A 8 18.92 4.96 13.25
C LEU A 8 20.31 4.34 12.96
N LEU A 9 20.34 3.11 12.45
CA LEU A 9 21.61 2.46 12.13
C LEU A 9 21.74 2.18 10.64
N ASN A 10 21.37 3.14 9.80
CA ASN A 10 21.30 2.88 8.38
C ASN A 10 22.61 3.06 7.64
N ASN A 11 23.55 3.80 8.23
CA ASN A 11 24.70 4.20 7.44
C ASN A 11 25.91 3.28 7.48
N ASN A 12 26.57 3.16 6.33
CA ASN A 12 27.88 2.55 6.25
C ASN A 12 27.96 1.13 6.82
N TRP A 13 27.28 0.19 6.17
CA TRP A 13 27.43 -1.24 6.45
C TRP A 13 28.38 -1.84 5.42
N ASN A 14 29.02 -2.95 5.77
CA ASN A 14 29.84 -3.68 4.81
C ASN A 14 29.15 -4.90 4.26
N PHE A 15 29.04 -4.94 2.94
CA PHE A 15 28.25 -5.98 2.26
C PHE A 15 29.08 -6.94 1.38
N ARG A 16 28.73 -8.24 1.41
CA ARG A 16 29.14 -9.16 0.34
C ARG A 16 28.09 -10.26 0.24
N PHE A 17 27.98 -10.84 -0.95
CA PHE A 17 27.21 -12.08 -1.15
C PHE A 17 27.99 -13.28 -0.61
N SER A 18 27.30 -14.27 -0.06
CA SER A 18 28.01 -15.47 0.35
C SER A 18 28.55 -16.26 -0.86
N HIS A 19 28.00 -16.05 -2.07
CA HIS A 19 28.58 -16.73 -3.28
C HIS A 19 29.96 -16.14 -3.63
N GLN A 20 30.28 -14.99 -3.05
CA GLN A 20 31.61 -14.44 -3.16
C GLN A 20 32.45 -14.93 -1.97
N VAL A 21 33.26 -15.95 -2.21
CA VAL A 21 33.84 -16.71 -1.07
C VAL A 21 35.03 -16.01 -0.39
N GLN A 22 35.60 -15.03 -1.06
CA GLN A 22 36.84 -14.39 -0.58
C GLN A 22 36.75 -13.60 0.71
N GLY A 23 35.62 -12.96 0.96
CA GLY A 23 35.55 -12.16 2.19
C GLY A 23 35.67 -10.64 2.06
N ASP A 24 36.05 -10.13 0.88
CA ASP A 24 36.07 -8.69 0.59
C ASP A 24 34.65 -8.15 0.63
N THR A 25 34.49 -6.91 1.07
CA THR A 25 33.16 -6.30 1.19
C THR A 25 33.14 -4.92 0.52
N ARG A 26 31.97 -4.40 0.20
CA ARG A 26 31.86 -2.99 -0.22
C ARG A 26 30.91 -2.27 0.73
N ARG A 27 31.11 -0.97 0.91
CA ARG A 27 30.15 -0.15 1.65
C ARG A 27 28.76 -0.13 1.01
N VAL A 28 27.72 -0.30 1.82
CA VAL A 28 26.35 -0.01 1.39
C VAL A 28 25.69 0.84 2.48
N ASP A 29 24.58 1.48 2.11
CA ASP A 29 23.80 2.28 3.04
C ASP A 29 22.34 1.90 2.91
N LEU A 30 21.66 1.77 4.04
CA LEU A 30 20.28 1.30 4.07
C LEU A 30 19.38 2.51 3.90
N PRO A 31 18.16 2.31 3.40
CA PRO A 31 17.57 1.06 2.91
C PRO A 31 18.29 0.56 1.66
N HIS A 32 18.42 -0.76 1.52
CA HIS A 32 19.18 -1.36 0.42
C HIS A 32 18.53 -2.66 -0.07
N THR A 33 18.47 -2.85 -1.40
CA THR A 33 18.20 -4.19 -1.99
C THR A 33 19.32 -4.45 -3.00
N TRP A 34 19.70 -5.72 -3.18
CA TRP A 34 20.75 -6.08 -4.13
C TRP A 34 20.13 -6.49 -5.45
N ASN A 35 18.80 -6.34 -5.55
CA ASN A 35 18.08 -6.65 -6.79
C ASN A 35 17.55 -5.43 -7.52
N ALA A 36 18.12 -4.25 -7.27
CA ALA A 36 17.60 -3.04 -7.94
C ALA A 36 18.11 -2.90 -9.38
N GLN A 37 19.20 -3.57 -9.73
CA GLN A 37 19.67 -3.62 -11.11
C GLN A 37 19.24 -4.90 -11.81
N ASP A 38 19.50 -6.07 -11.25
CA ASP A 38 19.25 -7.28 -12.04
C ASP A 38 17.77 -7.54 -12.30
N ALA A 39 16.95 -7.53 -11.24
CA ALA A 39 15.52 -7.83 -11.44
C ALA A 39 14.86 -6.75 -12.31
N LEU A 40 15.28 -5.49 -12.12
CA LEU A 40 14.69 -4.37 -12.88
C LEU A 40 15.10 -4.32 -14.35
N ALA A 41 16.13 -5.07 -14.72
CA ALA A 41 16.51 -5.16 -16.12
C ALA A 41 15.78 -6.29 -16.79
N GLY A 42 14.88 -6.98 -16.10
CA GLY A 42 14.19 -8.12 -16.67
C GLY A 42 14.95 -9.44 -16.61
N LYS A 43 15.89 -9.57 -15.69
CA LYS A 43 16.61 -10.84 -15.59
C LYS A 43 15.77 -11.79 -14.76
N ILE A 44 15.25 -12.85 -15.37
CA ILE A 44 14.24 -13.64 -14.66
C ILE A 44 14.84 -14.47 -13.50
N ASP A 45 16.10 -14.82 -13.64
CA ASP A 45 16.79 -15.60 -12.62
C ASP A 45 17.70 -14.63 -11.88
N TYR A 46 17.11 -13.52 -11.42
CA TYR A 46 17.85 -12.51 -10.63
C TYR A 46 18.34 -13.10 -9.32
N LYS A 47 19.34 -12.47 -8.70
CA LYS A 47 19.99 -13.07 -7.53
C LYS A 47 19.04 -13.31 -6.35
N ARG A 48 18.82 -14.59 -6.01
CA ARG A 48 17.98 -14.98 -4.86
C ARG A 48 18.81 -15.89 -3.96
N GLY A 49 19.29 -15.34 -2.86
CA GLY A 49 20.23 -16.05 -1.99
C GLY A 49 20.69 -15.17 -0.87
N ILE A 50 21.90 -15.40 -0.36
CA ILE A 50 22.31 -14.73 0.88
C ILE A 50 23.23 -13.53 0.63
N GLY A 51 22.87 -12.39 1.21
CA GLY A 51 23.71 -11.21 1.22
C GLY A 51 23.99 -10.88 2.68
N ASN A 52 25.23 -10.48 3.00
CA ASN A 52 25.68 -10.31 4.37
C ASN A 52 26.03 -8.86 4.63
N TYR A 53 25.55 -8.30 5.75
CA TYR A 53 25.76 -6.89 6.03
C TYR A 53 26.42 -6.85 7.39
N GLU A 54 27.53 -6.15 7.55
CA GLU A 54 28.11 -6.10 8.87
C GLU A 54 28.51 -4.66 9.26
N LYS A 55 28.33 -4.30 10.52
CA LYS A 55 28.59 -2.93 10.95
C LYS A 55 29.11 -3.01 12.37
N ALA A 56 30.10 -2.18 12.72
CA ALA A 56 30.55 -2.06 14.09
C ALA A 56 29.66 -1.08 14.83
N LEU A 57 29.23 -1.46 16.01
CA LEU A 57 28.35 -0.62 16.81
C LEU A 57 28.98 -0.38 18.17
N TYR A 58 29.32 0.86 18.46
CA TYR A 58 29.92 1.20 19.74
C TYR A 58 28.83 1.22 20.80
N ILE A 59 28.98 0.38 21.83
CA ILE A 59 27.97 0.28 22.87
C ILE A 59 28.43 1.16 24.03
N ARG A 60 27.71 2.24 24.26
CA ARG A 60 28.16 3.27 25.19
C ARG A 60 28.16 2.80 26.64
N PRO A 61 29.22 3.13 27.40
CA PRO A 61 29.32 2.68 28.78
C PRO A 61 28.10 3.12 29.60
N GLU A 62 27.54 4.28 29.29
CA GLU A 62 26.37 4.75 30.02
C GLU A 62 25.08 4.03 29.64
N TRP A 63 25.13 3.11 28.69
CA TRP A 63 23.92 2.32 28.38
C TRP A 63 23.81 1.11 29.28
N LYS A 64 24.86 0.84 30.06
CA LYS A 64 24.84 -0.25 31.01
C LYS A 64 23.77 0.07 32.04
N GLY A 65 22.87 -0.88 32.31
CA GLY A 65 21.74 -0.59 33.20
C GLY A 65 20.47 -0.20 32.44
N LYS A 66 20.59 0.03 31.15
CA LYS A 66 19.43 0.21 30.28
C LYS A 66 19.14 -1.10 29.49
N ARG A 67 18.03 -1.14 28.77
CA ARG A 67 17.78 -2.27 27.88
C ARG A 67 17.96 -1.82 26.43
N LEU A 68 18.47 -2.73 25.59
CA LEU A 68 18.91 -2.42 24.22
C LEU A 68 18.28 -3.40 23.25
N PHE A 69 17.72 -2.88 22.18
CA PHE A 69 16.97 -3.74 21.24
C PHE A 69 17.41 -3.35 19.83
N LEU A 70 17.59 -4.32 18.96
CA LEU A 70 17.74 -4.02 17.52
C LEU A 70 16.40 -4.30 16.87
N ARG A 71 15.81 -3.29 16.24
CA ARG A 71 14.51 -3.49 15.58
C ARG A 71 14.72 -3.26 14.10
N PHE A 72 14.25 -4.24 13.31
CA PHE A 72 14.36 -4.21 11.86
C PHE A 72 12.94 -3.96 11.30
N ASP A 73 12.77 -2.92 10.51
CA ASP A 73 11.46 -2.63 9.90
C ASP A 73 11.10 -3.64 8.79
N GLY A 74 12.11 -4.27 8.19
CA GLY A 74 11.86 -5.26 7.11
C GLY A 74 13.15 -5.76 6.45
N VAL A 75 13.27 -7.09 6.35
CA VAL A 75 14.37 -7.80 5.67
C VAL A 75 13.80 -8.95 4.84
N ASN A 76 14.02 -8.90 3.53
CA ASN A 76 13.40 -9.91 2.63
C ASN A 76 14.44 -11.00 2.26
N SER A 77 14.17 -12.28 2.57
CA SER A 77 12.97 -12.68 3.31
C SER A 77 13.25 -13.43 4.61
N ILE A 78 14.49 -13.85 4.83
CA ILE A 78 14.85 -14.52 6.08
C ILE A 78 16.02 -13.71 6.56
N ALA A 79 16.05 -13.39 7.85
CA ALA A 79 17.19 -12.70 8.38
C ALA A 79 17.77 -13.52 9.56
N ASP A 80 19.09 -13.72 9.55
CA ASP A 80 19.78 -14.32 10.70
C ASP A 80 20.73 -13.26 11.25
N VAL A 81 20.62 -12.97 12.55
CA VAL A 81 21.29 -11.81 13.13
C VAL A 81 22.32 -12.37 14.12
N PHE A 82 23.52 -11.79 14.11
CA PHE A 82 24.61 -12.26 14.93
C PHE A 82 25.19 -11.03 15.65
N ILE A 83 25.53 -11.19 16.92
CA ILE A 83 26.24 -10.12 17.64
C ILE A 83 27.60 -10.65 18.05
N ASN A 84 28.69 -9.95 17.70
CA ASN A 84 30.04 -10.50 17.84
C ASN A 84 30.16 -11.92 17.26
N ARG A 85 29.47 -12.10 16.14
CA ARG A 85 29.49 -13.31 15.34
C ARG A 85 28.78 -14.50 16.00
N LYS A 86 28.07 -14.26 17.12
CA LYS A 86 27.24 -15.30 17.76
C LYS A 86 25.78 -15.13 17.34
N HIS A 87 25.17 -16.22 16.88
CA HIS A 87 23.79 -16.16 16.44
C HIS A 87 22.83 -15.73 17.57
N ILE A 88 22.01 -14.72 17.32
CA ILE A 88 21.02 -14.31 18.34
C ILE A 88 19.60 -14.62 17.95
N GLY A 89 19.36 -14.84 16.66
CA GLY A 89 18.01 -15.17 16.22
C GLY A 89 17.77 -15.09 14.74
N GLU A 90 16.61 -15.54 14.34
CA GLU A 90 16.23 -15.62 12.94
C GLU A 90 14.82 -15.06 12.80
N HIS A 91 14.55 -14.40 11.69
CA HIS A 91 13.14 -14.01 11.36
C HIS A 91 12.82 -14.52 9.97
N ARG A 92 11.64 -15.14 9.80
CA ARG A 92 11.24 -15.71 8.52
C ARG A 92 10.00 -14.96 8.04
N GLY A 93 10.14 -14.20 6.96
CA GLY A 93 9.05 -13.33 6.48
C GLY A 93 9.59 -11.98 6.08
N GLY A 94 9.30 -11.54 4.85
CA GLY A 94 9.98 -10.42 4.24
C GLY A 94 9.40 -9.04 4.49
N TYR A 95 8.27 -8.97 5.20
CA TYR A 95 7.45 -7.74 5.21
C TYR A 95 7.04 -7.22 6.58
N GLY A 96 7.22 -8.04 7.62
CA GLY A 96 6.87 -7.63 8.97
C GLY A 96 8.11 -7.20 9.71
N ALA A 97 7.94 -6.32 10.70
CA ALA A 97 9.09 -5.91 11.53
C ALA A 97 9.47 -7.04 12.45
N PHE A 98 10.68 -6.98 13.04
CA PHE A 98 11.08 -7.96 14.05
C PHE A 98 12.14 -7.32 14.93
N ILE A 99 12.37 -7.90 16.10
CA ILE A 99 13.22 -7.26 17.11
C ILE A 99 13.94 -8.32 17.95
N PHE A 100 15.13 -7.99 18.44
CA PHE A 100 15.86 -8.87 19.34
C PHE A 100 16.41 -8.00 20.43
N GLU A 101 16.25 -8.42 21.69
CA GLU A 101 16.89 -7.68 22.77
C GLU A 101 18.37 -8.09 22.82
N ILE A 102 19.28 -7.11 22.92
CA ILE A 102 20.71 -7.41 22.92
C ILE A 102 21.39 -6.98 24.21
N THR A 103 20.59 -6.49 25.15
CA THR A 103 21.06 -6.09 26.50
C THR A 103 22.18 -6.96 27.09
N ASP A 104 21.97 -8.26 27.13
CA ASP A 104 22.94 -9.16 27.77
C ASP A 104 23.92 -9.82 26.80
N LEU A 105 23.96 -9.31 25.57
CA LEU A 105 24.73 -9.95 24.51
C LEU A 105 25.87 -9.09 24.02
N VAL A 106 26.03 -7.90 24.61
CA VAL A 106 27.04 -6.98 24.10
C VAL A 106 28.10 -6.71 25.15
N LYS A 107 29.26 -6.22 24.71
CA LYS A 107 30.30 -5.73 25.61
C LYS A 107 30.19 -4.22 25.71
N TYR A 108 29.90 -3.73 26.92
CA TYR A 108 29.71 -2.29 27.10
C TYR A 108 31.03 -1.55 27.03
N GLY A 109 31.02 -0.38 26.40
CA GLY A 109 32.22 0.44 26.27
C GLY A 109 33.18 -0.03 25.19
N GLU A 110 32.71 -0.84 24.25
CA GLU A 110 33.54 -1.18 23.10
C GLU A 110 32.71 -1.37 21.86
N LYS A 111 33.38 -1.50 20.73
CA LYS A 111 32.69 -1.77 19.47
C LYS A 111 32.30 -3.23 19.43
N ASN A 112 31.05 -3.49 19.05
CA ASN A 112 30.52 -4.82 18.91
C ASN A 112 30.11 -5.00 17.44
N SER A 113 30.33 -6.18 16.88
CA SER A 113 29.92 -6.41 15.50
C SER A 113 28.43 -6.76 15.43
N VAL A 114 27.73 -6.13 14.48
CA VAL A 114 26.39 -6.62 14.19
C VAL A 114 26.46 -7.17 12.79
N LEU A 115 26.08 -8.43 12.61
CA LEU A 115 26.09 -9.07 11.28
C LEU A 115 24.68 -9.54 10.97
N VAL A 116 24.16 -9.15 9.81
CA VAL A 116 22.85 -9.62 9.36
C VAL A 116 23.06 -10.43 8.07
N ARG A 117 22.62 -11.69 8.07
CA ARG A 117 22.73 -12.53 6.88
C ARG A 117 21.33 -12.69 6.36
N ALA A 118 21.04 -11.98 5.26
CA ALA A 118 19.70 -11.88 4.74
C ALA A 118 19.62 -12.87 3.58
N ASN A 119 18.49 -13.55 3.42
CA ASN A 119 18.42 -14.55 2.38
C ASN A 119 17.07 -14.35 1.66
N ASN A 120 17.07 -14.08 0.36
CA ASN A 120 15.81 -14.03 -0.38
C ASN A 120 15.70 -15.23 -1.34
N GLY A 121 16.46 -16.30 -1.03
CA GLY A 121 16.44 -17.52 -1.86
C GLY A 121 15.02 -18.06 -1.82
N GLU A 122 14.64 -18.81 -2.85
CA GLU A 122 13.34 -19.46 -2.86
C GLU A 122 13.13 -20.41 -1.66
N GLN A 123 11.88 -20.50 -1.18
CA GLN A 123 11.50 -21.38 -0.06
C GLN A 123 10.09 -21.83 -0.39
N LEU A 124 9.71 -23.00 0.09
CA LEU A 124 8.31 -23.42 0.03
C LEU A 124 7.62 -23.33 1.39
N ASP A 125 8.24 -22.64 2.35
CA ASP A 125 7.61 -22.54 3.66
C ASP A 125 7.44 -21.09 4.15
N ILE A 126 7.63 -20.13 3.25
CA ILE A 126 7.43 -18.70 3.57
C ILE A 126 6.70 -17.99 2.44
N MET A 127 5.42 -17.71 2.63
CA MET A 127 4.67 -16.85 1.69
C MET A 127 5.36 -15.49 1.57
N PRO A 128 5.32 -14.84 0.38
CA PRO A 128 4.67 -15.31 -0.85
C PRO A 128 5.55 -16.31 -1.61
N LEU A 129 4.94 -17.38 -2.12
CA LEU A 129 5.66 -18.41 -2.86
C LEU A 129 5.82 -18.09 -4.34
N VAL A 130 4.84 -17.34 -4.86
CA VAL A 130 4.81 -16.87 -6.23
C VAL A 130 4.24 -15.44 -6.25
N GLY A 131 4.21 -14.83 -7.42
CA GLY A 131 3.54 -13.55 -7.55
C GLY A 131 4.08 -12.78 -8.73
N ASP A 132 3.27 -11.86 -9.23
CA ASP A 132 3.64 -11.04 -10.38
C ASP A 132 4.37 -9.78 -9.91
N PHE A 133 5.44 -9.96 -9.15
CA PHE A 133 6.25 -8.87 -8.61
C PHE A 133 7.60 -9.45 -8.23
N ASN A 134 8.55 -8.60 -7.88
CA ASN A 134 9.92 -9.04 -7.60
C ASN A 134 10.12 -9.24 -6.12
N PHE A 135 10.88 -10.27 -5.78
CA PHE A 135 11.13 -10.60 -4.39
C PHE A 135 12.50 -10.01 -4.06
N TYR A 136 12.55 -8.68 -4.03
CA TYR A 136 13.81 -7.97 -3.86
C TYR A 136 14.46 -8.30 -2.54
N GLY A 137 15.73 -8.69 -2.53
CA GLY A 137 16.34 -9.18 -1.29
C GLY A 137 17.09 -8.11 -0.54
N GLY A 138 17.10 -8.21 0.79
CA GLY A 138 18.06 -7.41 1.55
C GLY A 138 17.39 -6.61 2.64
N ILE A 139 18.16 -5.74 3.28
CA ILE A 139 17.66 -4.90 4.38
C ILE A 139 17.09 -3.63 3.76
N TYR A 140 15.86 -3.72 3.29
CA TYR A 140 15.29 -2.69 2.44
C TYR A 140 14.44 -1.67 3.20
N ARG A 141 14.38 -1.82 4.52
CA ARG A 141 13.76 -0.81 5.39
C ARG A 141 14.76 -0.47 6.50
N ASP A 142 14.41 0.49 7.35
CA ASP A 142 15.32 0.96 8.41
C ASP A 142 15.68 -0.10 9.47
N VAL A 143 16.81 0.13 10.12
CA VAL A 143 17.24 -0.63 11.28
C VAL A 143 17.44 0.42 12.37
N HIS A 144 16.97 0.10 13.59
CA HIS A 144 17.05 0.99 14.75
C HIS A 144 17.65 0.29 15.95
N LEU A 145 18.41 1.03 16.73
CA LEU A 145 18.76 0.60 18.07
C LEU A 145 17.83 1.32 19.04
N LEU A 146 17.00 0.57 19.77
CA LEU A 146 16.08 1.15 20.73
CA LEU A 146 16.07 1.14 20.73
C LEU A 146 16.67 1.00 22.12
N ILE A 147 16.67 2.10 22.90
CA ILE A 147 17.20 2.06 24.27
C ILE A 147 16.09 2.45 25.27
N THR A 148 15.83 1.59 26.25
CA THR A 148 14.76 1.84 27.23
C THR A 148 15.21 1.61 28.66
N ASP A 149 14.35 2.01 29.60
CA ASP A 149 14.52 1.69 31.00
C ASP A 149 14.44 0.18 31.16
N GLU A 150 15.04 -0.35 32.22
CA GLU A 150 14.85 -1.75 32.57
C GLU A 150 13.39 -2.14 32.77
N THR A 151 12.55 -1.17 33.13
CA THR A 151 11.12 -1.39 33.24
C THR A 151 10.47 -0.58 32.16
N CYS A 152 9.84 -1.24 31.21
CA CYS A 152 9.41 -0.49 30.04
C CYS A 152 8.09 -0.97 29.45
N ILE A 153 7.53 -0.14 28.58
CA ILE A 153 6.39 -0.57 27.76
C ILE A 153 7.02 -1.45 26.67
N SER A 154 6.68 -2.72 26.67
CA SER A 154 7.48 -3.70 25.96
C SER A 154 7.47 -3.54 24.44
N PRO A 155 8.67 -3.50 23.82
CA PRO A 155 8.77 -3.55 22.36
C PRO A 155 8.80 -5.00 21.78
N LEU A 156 8.57 -6.00 22.63
CA LEU A 156 8.84 -7.38 22.28
C LEU A 156 7.64 -8.20 21.82
N ASP A 157 6.47 -7.60 21.69
CA ASP A 157 5.29 -8.36 21.28
C ASP A 157 5.15 -8.29 19.77
N TYR A 158 5.76 -9.23 19.04
CA TYR A 158 5.78 -9.19 17.57
C TYR A 158 6.28 -7.85 17.06
N ALA A 159 7.28 -7.30 17.72
CA ALA A 159 7.87 -6.02 17.33
C ALA A 159 6.86 -4.89 17.19
N SER A 160 5.75 -4.96 17.93
CA SER A 160 4.74 -3.90 17.83
C SER A 160 5.11 -2.78 18.81
N PRO A 161 4.41 -1.64 18.72
CA PRO A 161 4.65 -0.57 19.70
C PRO A 161 4.32 -1.01 21.13
N GLY A 162 3.58 -2.12 21.29
CA GLY A 162 3.30 -2.65 22.62
C GLY A 162 2.04 -2.06 23.24
N VAL A 163 1.26 -1.33 22.45
CA VAL A 163 0.01 -0.75 22.92
C VAL A 163 -1.05 -0.99 21.84
N TYR A 164 -2.21 -1.51 22.25
CA TYR A 164 -3.33 -1.74 21.36
C TYR A 164 -4.50 -0.92 21.88
N LEU A 165 -4.95 0.05 21.08
CA LEU A 165 -6.05 0.92 21.49
C LEU A 165 -7.31 0.33 20.87
N VAL A 166 -7.91 -0.56 21.61
CA VAL A 166 -8.99 -1.36 21.04
C VAL A 166 -10.27 -0.56 21.09
N GLN A 167 -10.85 -0.30 19.92
CA GLN A 167 -12.09 0.47 19.86
C GLN A 167 -13.31 -0.44 20.12
N GLU A 168 -13.95 -0.31 21.27
CA GLU A 168 -15.01 -1.25 21.64
C GLU A 168 -16.40 -0.76 21.25
N VAL A 169 -16.66 0.52 21.44
CA VAL A 169 -17.90 1.15 20.98
C VAL A 169 -17.56 2.53 20.47
N VAL A 170 -18.04 2.89 19.30
CA VAL A 170 -17.77 4.21 18.78
C VAL A 170 -19.05 4.77 18.17
N SER A 171 -19.48 5.94 18.64
CA SER A 171 -20.53 6.71 17.97
C SER A 171 -20.26 8.19 18.20
N PRO A 172 -21.03 9.05 17.52
CA PRO A 172 -20.87 10.48 17.78
C PRO A 172 -21.19 10.91 19.24
N GLN A 173 -21.92 10.08 19.98
CA GLN A 173 -22.23 10.39 21.39
C GLN A 173 -21.09 10.05 22.37
N GLU A 174 -20.40 8.94 22.12
CA GLU A 174 -19.30 8.52 22.97
C GLU A 174 -18.51 7.35 22.37
N ALA A 175 -17.26 7.25 22.78
CA ALA A 175 -16.38 6.17 22.39
C ALA A 175 -15.83 5.52 23.64
N LYS A 176 -15.83 4.20 23.66
CA LYS A 176 -15.14 3.44 24.73
C LYS A 176 -13.99 2.68 24.08
N VAL A 177 -12.82 2.82 24.69
CA VAL A 177 -11.60 2.21 24.17
C VAL A 177 -10.93 1.47 25.32
N CYS A 178 -10.41 0.29 25.01
CA CYS A 178 -9.61 -0.46 25.99
C CYS A 178 -8.13 -0.34 25.57
N ALA A 179 -7.34 0.40 26.34
CA ALA A 179 -5.92 0.51 26.05
C ALA A 179 -5.23 -0.70 26.66
N LYS A 180 -4.78 -1.63 25.80
CA LYS A 180 -4.03 -2.78 26.27
C LYS A 180 -2.54 -2.49 26.09
N VAL A 181 -1.78 -2.66 27.17
CA VAL A 181 -0.41 -2.22 27.21
C VAL A 181 0.49 -3.36 27.68
N ASN A 182 1.51 -3.70 26.88
CA ASN A 182 2.50 -4.70 27.30
C ASN A 182 3.55 -4.09 28.19
N LEU A 183 3.78 -4.69 29.35
CA LEU A 183 4.81 -4.19 30.27
C LEU A 183 5.86 -5.26 30.46
N SER A 184 7.12 -4.85 30.57
CA SER A 184 8.19 -5.79 30.71
C SER A 184 9.15 -5.28 31.76
N ASN A 185 9.46 -6.11 32.76
CA ASN A 185 10.35 -5.68 33.82
C ASN A 185 11.61 -6.53 33.95
N ARG A 186 12.77 -5.87 33.93
CA ARG A 186 14.01 -6.58 34.20
C ARG A 186 14.68 -6.07 35.47
N ALA A 187 14.14 -5.01 36.04
CA ALA A 187 14.65 -4.54 37.33
C ALA A 187 14.07 -5.40 38.47
N ALA A 188 14.45 -5.07 39.71
CA ALA A 188 13.90 -5.77 40.87
C ALA A 188 12.35 -5.72 40.92
N ASP A 189 11.75 -6.71 41.61
CA ASP A 189 10.32 -6.68 41.92
C ASP A 189 9.94 -5.28 42.40
N GLY A 190 8.83 -4.75 41.90
CA GLY A 190 8.37 -3.44 42.35
C GLY A 190 7.03 -3.07 41.75
N THR A 191 6.59 -1.87 42.06
CA THR A 191 5.35 -1.38 41.50
C THR A 191 5.68 -0.16 40.64
N ALA A 192 4.77 0.19 39.76
CA ALA A 192 4.93 1.39 38.95
C ALA A 192 3.55 1.90 38.61
N GLU A 193 3.49 3.14 38.15
CA GLU A 193 2.22 3.71 37.73
C GLU A 193 2.16 3.80 36.21
N LEU A 194 1.16 3.15 35.63
CA LEU A 194 0.91 3.22 34.20
C LEU A 194 -0.11 4.34 33.97
N GLN A 195 0.24 5.28 33.10
CA GLN A 195 -0.67 6.36 32.75
C GLN A 195 -0.98 6.38 31.25
N VAL A 196 -2.25 6.54 30.92
CA VAL A 196 -2.66 6.73 29.53
C VAL A 196 -3.30 8.11 29.37
N LEU A 197 -2.71 8.92 28.50
CA LEU A 197 -3.12 10.31 28.37
C LEU A 197 -3.55 10.57 26.92
N VAL A 198 -4.82 10.91 26.73
CA VAL A 198 -5.34 11.24 25.40
C VAL A 198 -5.45 12.78 25.30
N THR A 199 -4.92 13.31 24.21
CA THR A 199 -4.92 14.75 23.99
C THR A 199 -5.40 15.10 22.60
N ASP A 200 -5.88 16.32 22.48
CA ASP A 200 -6.09 16.95 21.18
C ASP A 200 -5.35 18.29 21.16
N GLY A 201 -4.18 18.33 20.55
CA GLY A 201 -3.31 19.50 20.68
C GLY A 201 -2.89 19.65 22.12
N THR A 202 -3.17 20.81 22.74
CA THR A 202 -2.78 21.02 24.14
C THR A 202 -3.88 20.61 25.13
N LYS A 203 -5.07 20.31 24.61
CA LYS A 203 -6.21 19.96 25.45
C LYS A 203 -6.18 18.49 25.90
N VAL A 204 -6.32 18.23 27.19
CA VAL A 204 -6.43 16.87 27.73
C VAL A 204 -7.86 16.37 27.55
N ILE A 205 -8.02 15.18 26.97
CA ILE A 205 -9.34 14.58 26.73
C ILE A 205 -9.59 13.42 27.68
N CYS A 206 -8.54 12.63 27.92
N CYS A 206 -8.53 12.70 28.03
CA CYS A 206 -8.58 11.54 28.90
CA CYS A 206 -8.67 11.54 28.90
C CYS A 206 -7.31 11.55 29.71
C CYS A 206 -7.35 11.25 29.60
N LYS A 207 -7.40 11.03 30.92
CA LYS A 207 -6.22 10.69 31.68
C LYS A 207 -6.61 9.58 32.64
N GLU A 208 -6.03 8.40 32.44
CA GLU A 208 -6.28 7.26 33.29
C GLU A 208 -4.97 6.70 33.81
N SER A 209 -4.99 6.19 35.04
CA SER A 209 -3.80 5.69 35.72
C SER A 209 -4.14 4.36 36.40
N ARG A 210 -3.17 3.45 36.48
CA ARG A 210 -3.27 2.26 37.33
C ARG A 210 -1.91 1.98 37.92
N ASN A 211 -1.87 1.56 39.19
CA ASN A 211 -0.65 0.98 39.76
C ASN A 211 -0.56 -0.47 39.34
N VAL A 212 0.63 -0.89 39.02
CA VAL A 212 0.82 -2.24 38.56
C VAL A 212 1.97 -2.84 39.34
N SER A 213 1.87 -4.14 39.64
CA SER A 213 2.92 -4.82 40.35
C SER A 213 3.73 -5.57 39.30
N LEU A 214 5.04 -5.39 39.30
CA LEU A 214 5.86 -6.06 38.29
C LEU A 214 6.95 -6.92 38.93
N LYS A 215 6.80 -8.24 38.85
CA LYS A 215 7.85 -9.16 39.29
C LYS A 215 9.09 -8.99 38.39
N GLN A 216 10.28 -9.25 38.94
CA GLN A 216 11.47 -9.33 38.10
C GLN A 216 11.23 -10.38 37.02
N GLY A 217 11.56 -10.04 35.78
CA GLY A 217 11.33 -10.95 34.65
C GLY A 217 9.90 -10.98 34.16
N ALA A 218 9.06 -10.10 34.70
CA ALA A 218 7.65 -10.04 34.31
C ALA A 218 7.47 -9.56 32.87
N ASP A 219 6.60 -10.23 32.12
CA ASP A 219 6.12 -9.73 30.84
C ASP A 219 4.59 -9.90 30.82
N ILE A 220 3.87 -8.81 31.02
CA ILE A 220 2.42 -8.89 31.28
C ILE A 220 1.60 -7.92 30.42
N LEU A 221 0.31 -8.20 30.27
CA LEU A 221 -0.57 -7.31 29.54
C LEU A 221 -1.52 -6.61 30.53
N GLU A 222 -1.50 -5.28 30.55
CA GLU A 222 -2.40 -4.47 31.41
C GLU A 222 -3.44 -3.77 30.55
N GLN A 223 -4.65 -3.60 31.08
CA GLN A 223 -5.73 -2.99 30.29
C GLN A 223 -6.38 -1.86 31.05
N LEU A 224 -6.49 -0.70 30.42
CA LEU A 224 -7.12 0.48 31.03
C LEU A 224 -8.27 0.95 30.17
N PRO A 225 -9.45 1.11 30.76
CA PRO A 225 -10.57 1.63 29.94
C PRO A 225 -10.50 3.16 29.75
N LEU A 226 -10.86 3.60 28.56
CA LEU A 226 -10.94 5.02 28.25
C LEU A 226 -12.35 5.32 27.78
N LEU A 227 -12.87 6.48 28.18
CA LEU A 227 -14.17 6.91 27.74
C LEU A 227 -14.01 8.32 27.19
N ILE A 228 -14.50 8.54 25.98
CA ILE A 228 -14.44 9.87 25.40
C ILE A 228 -15.86 10.28 25.02
N GLN A 229 -16.34 11.38 25.60
CA GLN A 229 -17.68 11.86 25.29
C GLN A 229 -17.72 12.83 24.12
N LYS A 230 -18.72 12.67 23.26
CA LYS A 230 -18.82 13.46 22.03
C LYS A 230 -17.47 13.50 21.26
N PRO A 231 -16.94 12.32 20.87
CA PRO A 231 -15.64 12.31 20.19
C PRO A 231 -15.64 12.97 18.81
N ARG A 232 -14.48 13.50 18.42
CA ARG A 232 -14.26 13.91 17.04
C ARG A 232 -13.76 12.68 16.29
N LEU A 233 -14.51 12.24 15.28
CA LEU A 233 -14.20 10.98 14.59
C LEU A 233 -13.28 11.15 13.39
N TRP A 234 -12.44 10.15 13.15
CA TRP A 234 -11.65 10.10 11.92
C TRP A 234 -12.66 9.77 10.82
N ASN A 235 -12.81 10.68 9.87
CA ASN A 235 -13.91 10.57 8.93
C ASN A 235 -13.36 10.62 7.51
N GLY A 236 -12.27 9.90 7.28
CA GLY A 236 -11.76 9.82 5.92
C GLY A 236 -11.22 11.17 5.51
N CYS A 237 -11.25 11.44 4.21
CA CYS A 237 -10.67 12.69 3.69
C CYS A 237 -11.42 13.95 4.14
N GLU A 238 -12.70 13.83 4.44
CA GLU A 238 -13.51 14.93 4.97
C GLU A 238 -12.92 15.50 6.26
N ASP A 239 -12.47 14.64 7.17
CA ASP A 239 -11.86 15.07 8.45
C ASP A 239 -11.01 13.94 9.03
N PRO A 240 -9.73 13.83 8.58
CA PRO A 240 -8.95 12.70 9.07
C PRO A 240 -8.43 12.92 10.50
N PHE A 241 -9.32 13.22 11.43
CA PHE A 241 -8.87 13.64 12.78
C PHE A 241 -8.37 12.48 13.67
N MET A 242 -7.27 12.68 14.39
CA MET A 242 -6.77 11.71 15.36
C MET A 242 -6.41 12.44 16.64
N TYR A 243 -6.68 11.80 17.77
CA TYR A 243 -6.15 12.18 19.06
C TYR A 243 -4.73 11.62 19.17
N GLN A 244 -3.93 12.22 20.03
CA GLN A 244 -2.64 11.65 20.40
C GLN A 244 -2.75 10.92 21.74
N VAL A 245 -2.16 9.73 21.84
CA VAL A 245 -2.18 9.00 23.10
C VAL A 245 -0.74 8.83 23.62
N SER A 246 -0.50 9.28 24.83
CA SER A 246 0.80 9.05 25.46
C SER A 246 0.61 8.00 26.56
N ILE A 247 1.38 6.92 26.43
CA ILE A 247 1.40 5.86 27.43
C ILE A 247 2.73 5.93 28.16
N SER A 248 2.70 6.05 29.48
CA SER A 248 3.94 6.26 30.20
C SER A 248 3.94 5.46 31.50
N LEU A 249 5.16 5.17 31.97
CA LEU A 249 5.36 4.48 33.23
C LEU A 249 6.05 5.45 34.16
N HIS A 250 5.59 5.50 35.41
CA HIS A 250 6.13 6.45 36.37
C HIS A 250 6.52 5.73 37.66
N LYS A 251 7.57 6.25 38.30
CA LYS A 251 8.00 5.73 39.59
C LYS A 251 8.54 6.87 40.47
N ASP A 252 7.98 6.98 41.67
CA ASP A 252 8.41 7.99 42.66
C ASP A 252 8.60 9.37 42.04
N GLY A 253 7.57 9.79 41.30
CA GLY A 253 7.55 11.13 40.70
C GLY A 253 8.43 11.35 39.48
N LYS A 254 9.01 10.28 38.97
CA LYS A 254 9.76 10.37 37.72
C LYS A 254 9.13 9.52 36.61
N GLN A 255 9.03 10.08 35.42
CA GLN A 255 8.63 9.30 34.26
C GLN A 255 9.82 8.40 33.91
N ILE A 256 9.57 7.13 33.66
CA ILE A 256 10.67 6.22 33.34
C ILE A 256 10.63 5.67 31.91
N ASP A 257 9.45 5.68 31.29
CA ASP A 257 9.33 5.25 29.91
C ASP A 257 8.05 5.81 29.32
N SER A 258 8.03 5.95 27.99
CA SER A 258 6.87 6.51 27.31
C SER A 258 6.84 6.11 25.86
N VAL A 259 5.63 5.90 25.34
CA VAL A 259 5.48 5.72 23.90
C VAL A 259 4.23 6.50 23.51
N THR A 260 4.14 6.94 22.26
CA THR A 260 2.91 7.55 21.78
C THR A 260 2.35 6.81 20.59
N GLN A 261 1.04 6.79 20.47
CA GLN A 261 0.30 6.15 19.37
C GLN A 261 -0.90 7.02 18.99
N PRO A 262 -1.37 6.95 17.75
CA PRO A 262 -2.55 7.71 17.37
C PRO A 262 -3.83 7.02 17.82
N LEU A 263 -4.88 7.81 18.01
CA LEU A 263 -6.23 7.25 18.21
C LEU A 263 -7.17 7.91 17.21
N GLY A 264 -7.52 7.18 16.17
CA GLY A 264 -8.46 7.71 15.20
C GLY A 264 -9.72 6.89 15.28
N LEU A 265 -10.76 7.47 15.87
CA LEU A 265 -12.02 6.75 16.17
C LEU A 265 -12.93 6.76 14.97
N ARG A 266 -13.49 5.60 14.63
CA ARG A 266 -14.49 5.55 13.57
C ARG A 266 -15.22 4.23 13.67
N TYR A 267 -16.33 4.14 12.95
CA TYR A 267 -17.03 2.90 12.83
C TYR A 267 -17.49 2.76 11.36
N TYR A 268 -17.81 1.56 10.90
CA TYR A 268 -18.07 1.36 9.49
C TYR A 268 -18.87 0.11 9.33
N HIS A 269 -19.46 -0.05 8.15
CA HIS A 269 -19.98 -1.35 7.81
C HIS A 269 -20.12 -1.42 6.32
N THR A 270 -20.27 -2.62 5.80
CA THR A 270 -20.48 -2.79 4.37
C THR A 270 -21.82 -3.46 4.20
N ASP A 271 -22.68 -2.87 3.39
CA ASP A 271 -23.99 -3.41 3.06
C ASP A 271 -23.93 -4.06 1.67
N PRO A 272 -24.49 -5.28 1.53
CA PRO A 272 -24.39 -6.01 0.27
C PRO A 272 -25.04 -5.28 -0.89
N ASP A 273 -26.04 -4.43 -0.60
CA ASP A 273 -26.77 -3.72 -1.65
C ASP A 273 -26.37 -2.26 -1.81
N LYS A 274 -25.86 -1.64 -0.75
CA LYS A 274 -25.61 -0.20 -0.73
C LYS A 274 -24.15 0.22 -0.65
N GLY A 275 -23.24 -0.72 -0.37
CA GLY A 275 -21.80 -0.43 -0.39
C GLY A 275 -21.30 -0.08 0.99
N PHE A 276 -20.25 0.73 1.05
CA PHE A 276 -19.50 0.97 2.28
C PHE A 276 -20.01 2.22 2.98
N PHE A 277 -20.10 2.14 4.31
CA PHE A 277 -20.53 3.25 5.15
C PHE A 277 -19.46 3.54 6.16
N LEU A 278 -18.99 4.79 6.19
CA LEU A 278 -18.05 5.24 7.20
C LEU A 278 -18.78 6.20 8.15
N ASN A 279 -18.72 5.90 9.44
CA ASN A 279 -19.37 6.72 10.47
C ASN A 279 -20.84 6.99 10.10
N GLY A 280 -21.49 5.96 9.57
CA GLY A 280 -22.95 5.99 9.36
C GLY A 280 -23.38 6.59 8.05
N LYS A 281 -22.39 7.03 7.26
CA LYS A 281 -22.64 7.71 5.99
C LYS A 281 -22.07 6.94 4.80
N HIS A 282 -22.85 6.77 3.75
CA HIS A 282 -22.35 6.07 2.58
C HIS A 282 -21.11 6.75 2.00
N LEU A 283 -20.11 5.93 1.65
CA LEU A 283 -18.89 6.47 1.08
C LEU A 283 -18.41 5.57 -0.07
N PRO A 284 -18.53 6.05 -1.33
CA PRO A 284 -17.94 5.32 -2.45
C PRO A 284 -16.44 5.24 -2.23
N LEU A 285 -15.85 4.07 -2.45
CA LEU A 285 -14.41 3.92 -2.24
C LEU A 285 -13.76 4.01 -3.61
N HIS A 286 -13.09 5.13 -3.85
CA HIS A 286 -12.46 5.42 -5.14
C HIS A 286 -11.02 5.00 -4.97
N GLY A 287 -10.73 3.74 -5.28
CA GLY A 287 -9.46 3.16 -4.85
C GLY A 287 -8.48 2.89 -5.96
N VAL A 288 -7.21 2.80 -5.57
CA VAL A 288 -6.13 2.28 -6.44
C VAL A 288 -5.27 1.33 -5.59
N CYS A 289 -4.42 0.54 -6.24
CA CYS A 289 -3.45 -0.31 -5.54
C CYS A 289 -2.06 0.28 -5.74
N ARG A 290 -1.12 -0.10 -4.88
CA ARG A 290 0.22 0.49 -4.93
C ARG A 290 1.19 -0.53 -4.37
N HIS A 291 2.24 -0.86 -5.15
CA HIS A 291 3.33 -1.74 -4.69
C HIS A 291 4.42 -0.88 -4.08
N GLN A 292 5.25 -1.48 -3.24
CA GLN A 292 6.26 -0.69 -2.52
C GLN A 292 7.60 -0.62 -3.24
N ASP A 293 7.57 -0.45 -4.57
CA ASP A 293 8.83 -0.36 -5.32
C ASP A 293 8.82 0.89 -6.21
N ARG A 294 9.93 1.16 -6.89
CA ARG A 294 10.08 2.37 -7.69
C ARG A 294 11.25 2.11 -8.64
N ALA A 295 11.30 2.83 -9.76
CA ALA A 295 12.39 2.69 -10.71
C ALA A 295 13.71 2.94 -10.01
N GLU A 296 14.76 2.25 -10.46
CA GLU A 296 16.15 2.49 -10.01
C GLU A 296 16.50 2.00 -8.61
N VAL A 297 15.59 2.14 -7.64
CA VAL A 297 15.91 1.77 -6.26
C VAL A 297 15.25 0.47 -5.83
N GLY A 298 14.34 -0.05 -6.64
CA GLY A 298 13.64 -1.28 -6.24
C GLY A 298 12.72 -1.01 -5.05
N ASN A 299 12.73 -1.86 -4.02
CA ASN A 299 11.87 -1.62 -2.84
C ASN A 299 12.66 -0.88 -1.73
N ALA A 300 13.82 -0.38 -2.07
CA ALA A 300 14.60 0.37 -1.06
C ALA A 300 14.11 1.83 -1.02
N LEU A 301 12.88 2.02 -0.56
CA LEU A 301 12.20 3.32 -0.70
C LEU A 301 12.64 4.22 0.44
N ARG A 302 12.79 5.52 0.14
CA ARG A 302 13.10 6.54 1.12
C ARG A 302 11.78 7.24 1.48
N PRO A 303 11.74 8.01 2.60
CA PRO A 303 10.45 8.60 3.02
C PRO A 303 9.83 9.54 1.98
N GLN A 304 10.64 10.31 1.24
CA GLN A 304 10.14 11.16 0.17
C GLN A 304 9.46 10.38 -0.93
N HIS A 305 9.77 9.09 -1.03
CA HIS A 305 9.10 8.24 -2.04
C HIS A 305 7.68 7.91 -1.60
N HIS A 306 7.52 7.57 -0.33
CA HIS A 306 6.18 7.34 0.20
C HIS A 306 5.36 8.64 0.10
N GLU A 307 6.01 9.75 0.49
CA GLU A 307 5.40 11.10 0.46
C GLU A 307 4.91 11.47 -0.94
N GLU A 308 5.76 11.27 -1.94
CA GLU A 308 5.35 11.56 -3.30
C GLU A 308 4.23 10.65 -3.82
N ASP A 309 4.27 9.36 -3.48
CA ASP A 309 3.22 8.47 -3.92
C ASP A 309 1.87 8.94 -3.37
N VAL A 310 1.82 9.33 -2.10
CA VAL A 310 0.55 9.80 -1.48
CA VAL A 310 0.53 9.77 -1.55
C VAL A 310 0.11 11.13 -2.12
N ALA A 311 1.07 12.03 -2.34
CA ALA A 311 0.77 13.31 -3.00
C ALA A 311 0.12 13.10 -4.36
N LEU A 312 0.64 12.15 -5.13
CA LEU A 312 0.08 11.88 -6.46
C LEU A 312 -1.34 11.29 -6.37
N MET A 313 -1.55 10.37 -5.43
CA MET A 313 -2.88 9.79 -5.20
C MET A 313 -3.93 10.82 -4.76
N ARG A 314 -3.59 11.69 -3.80
CA ARG A 314 -4.50 12.76 -3.41
C ARG A 314 -4.78 13.76 -4.54
N GLU A 315 -3.77 14.03 -5.37
CA GLU A 315 -3.96 14.90 -6.51
C GLU A 315 -5.06 14.30 -7.40
N MET A 316 -5.05 12.97 -7.55
CA MET A 316 -6.01 12.29 -8.44
C MET A 316 -7.39 12.12 -7.78
N GLY A 317 -7.48 12.45 -6.49
CA GLY A 317 -8.72 12.31 -5.72
C GLY A 317 -8.95 10.89 -5.20
N VAL A 318 -7.87 10.13 -5.08
CA VAL A 318 -7.98 8.79 -4.43
C VAL A 318 -8.47 8.89 -2.99
N ASN A 319 -9.47 8.11 -2.60
CA ASN A 319 -9.86 8.07 -1.15
C ASN A 319 -9.81 6.67 -0.50
N ALA A 320 -9.26 5.70 -1.23
CA ALA A 320 -9.16 4.33 -0.76
C ALA A 320 -7.94 3.70 -1.41
N ILE A 321 -7.29 2.79 -0.68
CA ILE A 321 -6.09 2.18 -1.23
C ILE A 321 -5.98 0.73 -0.82
N ARG A 322 -5.49 -0.10 -1.73
CA ARG A 322 -5.19 -1.48 -1.40
C ARG A 322 -3.67 -1.57 -1.51
N LEU A 323 -3.03 -1.70 -0.35
CA LEU A 323 -1.57 -1.78 -0.28
C LEU A 323 -1.16 -3.26 -0.49
N ALA A 324 -1.20 -3.67 -1.75
CA ALA A 324 -0.93 -5.03 -2.17
C ALA A 324 0.57 -5.22 -2.37
N HIS A 325 1.07 -6.45 -2.25
CA HIS A 325 0.36 -7.64 -1.82
C HIS A 325 0.95 -8.10 -0.47
N TYR A 326 1.23 -7.18 0.45
CA TYR A 326 2.00 -7.54 1.64
C TYR A 326 1.95 -6.39 2.63
N PRO A 327 2.31 -6.65 3.89
CA PRO A 327 2.39 -5.57 4.87
C PRO A 327 3.38 -4.52 4.37
N GLN A 328 3.02 -3.23 4.44
CA GLN A 328 3.89 -2.18 3.91
C GLN A 328 4.48 -1.35 5.04
N ALA A 329 5.16 -0.25 4.72
CA ALA A 329 5.88 0.52 5.77
C ALA A 329 4.94 1.18 6.78
N THR A 330 5.37 1.24 8.04
CA THR A 330 4.61 1.97 9.04
C THR A 330 4.36 3.40 8.56
N TYR A 331 5.38 4.01 7.93
CA TYR A 331 5.23 5.39 7.43
C TYR A 331 4.16 5.52 6.35
N MET A 332 4.00 4.49 5.51
CA MET A 332 2.95 4.55 4.50
C MET A 332 1.55 4.51 5.14
N TYR A 333 1.35 3.64 6.13
CA TYR A 333 0.09 3.62 6.90
C TYR A 333 -0.08 4.93 7.67
N ASP A 334 0.99 5.47 8.24
CA ASP A 334 0.86 6.81 8.82
C ASP A 334 0.32 7.86 7.82
N LEU A 335 0.81 7.84 6.60
CA LEU A 335 0.37 8.84 5.61
C LEU A 335 -1.09 8.58 5.23
N MET A 336 -1.50 7.31 5.18
CA MET A 336 -2.91 7.00 4.91
C MET A 336 -3.79 7.55 6.07
N ASP A 337 -3.34 7.37 7.32
CA ASP A 337 -4.08 7.93 8.47
C ASP A 337 -4.24 9.44 8.31
N LYS A 338 -3.13 10.10 8.00
CA LYS A 338 -3.04 11.55 8.00
C LYS A 338 -3.89 12.16 6.88
N HIS A 339 -4.00 11.46 5.77
CA HIS A 339 -4.67 12.01 4.62
C HIS A 339 -6.09 11.48 4.48
N GLY A 340 -6.51 10.58 5.35
CA GLY A 340 -7.91 10.11 5.36
C GLY A 340 -8.25 8.99 4.38
N ILE A 341 -7.22 8.25 3.97
CA ILE A 341 -7.42 7.24 2.92
C ILE A 341 -7.81 5.90 3.53
N VAL A 342 -9.00 5.41 3.19
CA VAL A 342 -9.44 4.10 3.70
C VAL A 342 -8.55 3.00 3.10
N THR A 343 -7.94 2.18 3.97
CA THR A 343 -6.86 1.26 3.58
C THR A 343 -7.18 -0.22 3.78
N TRP A 344 -6.92 -1.00 2.74
CA TRP A 344 -7.00 -2.46 2.76
C TRP A 344 -5.56 -2.94 2.89
N ALA A 345 -5.24 -3.59 3.99
CA ALA A 345 -3.86 -4.04 4.24
C ALA A 345 -3.89 -5.56 4.24
N GLU A 346 -2.89 -6.23 3.65
CA GLU A 346 -3.03 -7.69 3.45
C GLU A 346 -1.72 -8.45 3.72
N ILE A 347 -1.81 -9.73 4.02
CA ILE A 347 -0.62 -10.58 4.14
C ILE A 347 -0.30 -11.13 2.75
N PRO A 348 0.94 -11.62 2.56
CA PRO A 348 1.37 -12.01 1.21
C PRO A 348 0.99 -13.43 0.79
N PHE A 349 -0.28 -13.79 0.97
CA PHE A 349 -0.71 -15.13 0.61
C PHE A 349 -1.18 -15.06 -0.83
N VAL A 350 -0.22 -15.07 -1.73
CA VAL A 350 -0.45 -14.78 -3.15
C VAL A 350 -0.39 -16.03 -4.05
N GLY A 351 -1.39 -16.21 -4.90
CA GLY A 351 -1.43 -17.33 -5.81
C GLY A 351 -0.86 -17.00 -7.18
N PRO A 352 -0.85 -17.99 -8.09
CA PRO A 352 -0.09 -17.85 -9.33
C PRO A 352 -0.73 -17.02 -10.48
N GLY A 353 -2.03 -16.74 -10.41
CA GLY A 353 -2.67 -16.02 -11.53
C GLY A 353 -2.64 -16.86 -12.77
N GLY A 354 -2.18 -16.30 -13.89
CA GLY A 354 -2.09 -17.10 -15.12
C GLY A 354 -0.79 -17.88 -15.24
N TYR A 355 0.04 -17.84 -14.19
CA TYR A 355 1.35 -18.47 -14.23
C TYR A 355 1.35 -19.83 -13.50
N ALA A 356 2.49 -20.51 -13.53
CA ALA A 356 2.62 -21.86 -12.94
C ALA A 356 2.82 -21.83 -11.43
N ASP A 357 2.86 -23.03 -10.84
CA ASP A 357 3.09 -23.23 -9.40
C ASP A 357 1.89 -22.80 -8.51
N LYS A 358 2.12 -22.58 -7.22
CA LYS A 358 1.02 -22.46 -6.26
C LYS A 358 1.30 -21.41 -5.24
N GLY A 359 0.26 -20.79 -4.71
CA GLY A 359 0.48 -19.91 -3.57
C GLY A 359 0.43 -20.63 -2.24
N PHE A 360 -0.14 -21.83 -2.22
CA PHE A 360 -0.28 -22.61 -0.99
C PHE A 360 0.44 -23.96 -1.12
N VAL A 361 1.29 -24.27 -0.14
CA VAL A 361 1.86 -25.62 -0.04
C VAL A 361 1.41 -26.16 1.30
N ASP A 362 0.74 -27.30 1.28
CA ASP A 362 0.09 -27.81 2.50
C ASP A 362 1.07 -28.56 3.40
N GLN A 363 1.91 -27.80 4.11
CA GLN A 363 2.79 -28.37 5.12
C GLN A 363 2.80 -27.47 6.36
N ALA A 364 3.02 -28.06 7.53
CA ALA A 364 2.85 -27.31 8.78
C ALA A 364 3.76 -26.11 8.80
N SER A 365 4.98 -26.23 8.27
CA SER A 365 5.92 -25.10 8.36
C SER A 365 5.36 -23.88 7.60
N PHE A 366 4.77 -24.13 6.44
CA PHE A 366 4.20 -23.04 5.63
C PHE A 366 3.03 -22.44 6.38
N ARG A 367 2.18 -23.30 6.92
CA ARG A 367 0.94 -22.85 7.57
C ARG A 367 1.22 -22.06 8.86
N GLU A 368 2.13 -22.53 9.68
CA GLU A 368 2.44 -21.83 10.91
C GLU A 368 3.11 -20.52 10.62
N ASN A 369 3.98 -20.50 9.61
CA ASN A 369 4.61 -19.20 9.24
C ASN A 369 3.57 -18.21 8.74
N GLY A 370 2.60 -18.66 7.97
CA GLY A 370 1.57 -17.73 7.50
C GLY A 370 0.79 -17.10 8.65
N LYS A 371 0.45 -17.88 9.68
CA LYS A 371 -0.22 -17.35 10.88
C LYS A 371 0.65 -16.34 11.62
N GLN A 372 1.95 -16.56 11.65
N GLN A 372 1.94 -16.59 11.65
CA GLN A 372 2.81 -15.60 12.31
CA GLN A 372 2.87 -15.63 12.24
C GLN A 372 2.89 -14.29 11.49
C GLN A 372 2.78 -14.31 11.48
N GLN A 373 2.83 -14.40 10.16
CA GLN A 373 2.84 -13.20 9.31
C GLN A 373 1.54 -12.42 9.52
N LEU A 374 0.41 -13.13 9.63
CA LEU A 374 -0.88 -12.46 9.92
C LEU A 374 -0.88 -11.77 11.31
N ILE A 375 -0.45 -12.48 12.34
CA ILE A 375 -0.37 -11.86 13.68
C ILE A 375 0.53 -10.64 13.66
N GLU A 376 1.67 -10.73 12.95
CA GLU A 376 2.58 -9.58 12.82
C GLU A 376 1.86 -8.35 12.23
N LEU A 377 1.17 -8.58 11.12
CA LEU A 377 0.47 -7.52 10.38
C LEU A 377 -0.54 -6.84 11.33
N ILE A 378 -1.38 -7.65 11.97
CA ILE A 378 -2.43 -7.11 12.88
C ILE A 378 -1.86 -6.39 14.10
N ARG A 379 -0.89 -7.00 14.79
CA ARG A 379 -0.35 -6.39 15.99
C ARG A 379 0.52 -5.18 15.68
N GLN A 380 1.33 -5.26 14.63
CA GLN A 380 2.24 -4.17 14.33
C GLN A 380 1.46 -2.97 13.84
N HIS A 381 0.34 -3.20 13.16
CA HIS A 381 -0.35 -2.08 12.51
C HIS A 381 -1.76 -1.79 13.06
N TYR A 382 -2.01 -2.35 14.24
CA TYR A 382 -3.31 -2.31 14.91
C TYR A 382 -3.94 -0.92 15.04
N ASN A 383 -3.13 0.08 15.34
CA ASN A 383 -3.66 1.41 15.70
C ASN A 383 -3.92 2.40 14.57
N HIS A 384 -3.68 2.01 13.32
CA HIS A 384 -3.86 2.95 12.20
C HIS A 384 -5.33 3.02 11.86
N PRO A 385 -5.98 4.18 12.09
CA PRO A 385 -7.41 4.25 11.69
C PRO A 385 -7.64 4.04 10.21
N SER A 386 -6.65 4.34 9.37
CA SER A 386 -6.88 4.18 7.92
C SER A 386 -7.19 2.72 7.59
N ILE A 387 -6.58 1.79 8.32
CA ILE A 387 -6.81 0.37 7.96
C ILE A 387 -8.22 -0.05 8.37
N CYS A 388 -9.04 -0.41 7.38
CA CYS A 388 -10.42 -0.77 7.63
C CYS A 388 -10.72 -2.18 7.15
N PHE A 389 -9.79 -2.82 6.44
CA PHE A 389 -9.96 -4.23 6.06
C PHE A 389 -8.64 -5.00 6.21
N TRP A 390 -8.70 -6.26 6.64
CA TRP A 390 -7.52 -7.16 6.61
C TRP A 390 -7.68 -8.14 5.47
N GLY A 391 -6.78 -8.09 4.48
CA GLY A 391 -6.87 -8.99 3.31
C GLY A 391 -6.09 -10.27 3.58
N LEU A 392 -6.71 -11.41 3.32
CA LEU A 392 -6.10 -12.70 3.71
C LEU A 392 -5.44 -13.43 2.54
N PHE A 393 -5.86 -13.12 1.31
CA PHE A 393 -5.20 -13.73 0.13
C PHE A 393 -5.49 -13.01 -1.17
N ASN A 394 -4.72 -13.39 -2.19
CA ASN A 394 -4.89 -12.87 -3.54
C ASN A 394 -4.72 -14.02 -4.54
N GLU A 395 -5.81 -14.38 -5.20
CA GLU A 395 -5.76 -15.36 -6.31
C GLU A 395 -5.23 -16.77 -5.93
N LEU A 396 -5.65 -17.30 -4.79
CA LEU A 396 -5.39 -18.71 -4.51
C LEU A 396 -6.32 -19.55 -5.38
N LYS A 397 -6.00 -20.83 -5.52
CA LYS A 397 -6.89 -21.72 -6.25
C LYS A 397 -6.99 -23.09 -5.57
N GLU A 398 -8.12 -23.78 -5.75
CA GLU A 398 -8.32 -25.06 -5.07
C GLU A 398 -7.53 -26.24 -5.64
N VAL A 399 -7.21 -26.22 -6.92
CA VAL A 399 -6.58 -27.36 -7.56
C VAL A 399 -5.23 -27.70 -6.86
N GLY A 400 -4.99 -28.99 -6.63
CA GLY A 400 -3.79 -29.44 -5.92
C GLY A 400 -3.99 -29.28 -4.44
N ASP A 401 -2.99 -28.75 -3.73
CA ASP A 401 -3.18 -28.42 -2.32
C ASP A 401 -4.29 -27.39 -2.19
N ASN A 402 -5.37 -27.75 -1.50
CA ASN A 402 -6.56 -26.89 -1.43
C ASN A 402 -6.52 -26.03 -0.18
N PRO A 403 -6.35 -24.70 -0.33
CA PRO A 403 -6.12 -23.82 0.82
C PRO A 403 -7.41 -23.40 1.56
N VAL A 404 -8.56 -23.88 1.13
CA VAL A 404 -9.84 -23.49 1.76
C VAL A 404 -9.86 -23.65 3.27
N GLU A 405 -9.52 -24.83 3.77
CA GLU A 405 -9.58 -25.00 5.20
C GLU A 405 -8.57 -24.11 5.88
N TYR A 406 -7.41 -23.95 5.27
CA TYR A 406 -6.37 -23.13 5.92
C TYR A 406 -6.77 -21.64 5.93
N VAL A 407 -7.40 -21.18 4.84
CA VAL A 407 -7.89 -19.81 4.81
C VAL A 407 -9.00 -19.58 5.86
N LYS A 408 -9.85 -20.58 6.09
CA LYS A 408 -10.79 -20.49 7.22
C LYS A 408 -10.06 -20.33 8.58
N GLU A 409 -8.95 -21.04 8.77
CA GLU A 409 -8.14 -20.85 9.98
C GLU A 409 -7.63 -19.41 10.10
N LEU A 410 -7.08 -18.87 9.00
CA LEU A 410 -6.55 -17.48 9.03
C LEU A 410 -7.69 -16.51 9.35
N ASN A 411 -8.86 -16.75 8.77
CA ASN A 411 -10.01 -15.85 9.00
C ASN A 411 -10.39 -15.83 10.46
N ALA A 412 -10.49 -17.02 11.06
CA ALA A 412 -10.81 -17.13 12.47
C ALA A 412 -9.71 -16.50 13.33
N LEU A 413 -8.45 -16.61 12.92
CA LEU A 413 -7.34 -16.00 13.69
C LEU A 413 -7.42 -14.46 13.59
N ALA A 414 -7.68 -13.97 12.39
CA ALA A 414 -7.85 -12.52 12.21
C ALA A 414 -8.99 -11.98 13.11
N LYS A 415 -10.11 -12.69 13.13
CA LYS A 415 -11.26 -12.25 13.92
C LYS A 415 -10.98 -12.33 15.41
N GLN A 416 -10.13 -13.26 15.82
CA GLN A 416 -9.80 -13.36 17.22
C GLN A 416 -8.81 -12.26 17.63
N GLU A 417 -7.83 -12.01 16.78
CA GLU A 417 -6.85 -10.93 17.05
C GLU A 417 -7.51 -9.55 16.98
N ASP A 418 -8.44 -9.38 16.06
CA ASP A 418 -9.03 -8.07 15.87
C ASP A 418 -10.48 -8.16 15.40
N PRO A 419 -11.42 -8.25 16.35
CA PRO A 419 -12.84 -8.27 15.98
C PRO A 419 -13.34 -6.93 15.40
N THR A 420 -12.50 -5.89 15.43
CA THR A 420 -12.93 -4.55 15.01
C THR A 420 -12.76 -4.22 13.55
N ARG A 421 -12.16 -5.12 12.76
CA ARG A 421 -12.09 -4.93 11.32
C ARG A 421 -12.61 -6.14 10.57
N PRO A 422 -13.29 -5.91 9.45
CA PRO A 422 -13.70 -7.08 8.71
C PRO A 422 -12.52 -7.68 7.94
N THR A 423 -12.63 -8.95 7.55
CA THR A 423 -11.62 -9.53 6.67
C THR A 423 -12.10 -9.39 5.25
N THR A 424 -11.15 -9.46 4.31
CA THR A 424 -11.50 -9.40 2.90
C THR A 424 -10.51 -10.29 2.13
N SER A 425 -10.72 -10.47 0.83
CA SER A 425 -9.74 -11.18 0.01
C SER A 425 -9.94 -10.81 -1.43
N ALA A 426 -8.95 -11.09 -2.27
CA ALA A 426 -9.01 -10.76 -3.69
C ALA A 426 -8.98 -12.05 -4.50
N SER A 427 -10.04 -12.31 -5.26
CA SER A 427 -10.18 -13.60 -5.87
C SER A 427 -10.12 -13.53 -7.38
N ASN A 428 -9.61 -14.59 -8.01
CA ASN A 428 -9.81 -14.81 -9.44
C ASN A 428 -10.47 -16.14 -9.74
N GLN A 429 -11.19 -16.71 -8.77
CA GLN A 429 -11.79 -18.05 -8.95
C GLN A 429 -13.30 -18.04 -8.71
N ASP A 430 -13.98 -19.08 -9.17
CA ASP A 430 -15.35 -19.36 -8.74
C ASP A 430 -15.26 -20.26 -7.51
N GLY A 431 -16.36 -20.40 -6.78
CA GLY A 431 -16.43 -21.45 -5.78
C GLY A 431 -16.13 -21.04 -4.35
N ASN A 432 -15.78 -22.02 -3.52
CA ASN A 432 -15.74 -21.87 -2.08
C ASN A 432 -14.78 -20.84 -1.50
N LEU A 433 -13.70 -20.55 -2.22
CA LEU A 433 -12.74 -19.57 -1.70
C LEU A 433 -13.40 -18.19 -1.53
N ASN A 434 -14.52 -17.97 -2.22
CA ASN A 434 -15.19 -16.69 -2.20
C ASN A 434 -16.11 -16.44 -1.02
N PHE A 435 -16.32 -17.49 -0.22
CA PHE A 435 -17.33 -17.46 0.81
C PHE A 435 -16.75 -17.57 2.21
N ILE A 436 -15.52 -17.11 2.40
CA ILE A 436 -14.89 -17.24 3.70
C ILE A 436 -14.77 -15.89 4.40
N THR A 437 -14.18 -14.90 3.72
CA THR A 437 -13.95 -13.58 4.31
C THR A 437 -15.23 -12.76 4.34
N GLU A 438 -15.28 -11.73 5.19
CA GLU A 438 -16.55 -10.98 5.31
C GLU A 438 -16.91 -10.20 4.06
N ASN A 439 -15.92 -9.50 3.50
CA ASN A 439 -16.07 -8.85 2.20
C ASN A 439 -15.31 -9.68 1.19
N ILE A 440 -15.75 -9.68 -0.06
CA ILE A 440 -15.05 -10.42 -1.08
C ILE A 440 -14.84 -9.44 -2.24
N ALA A 441 -13.78 -9.65 -3.03
CA ALA A 441 -13.54 -8.81 -4.21
C ALA A 441 -12.90 -9.68 -5.27
N TRP A 442 -13.08 -9.32 -6.53
CA TRP A 442 -12.43 -10.01 -7.66
C TRP A 442 -11.50 -9.11 -8.46
N ASN A 443 -10.47 -9.75 -9.01
CA ASN A 443 -9.55 -9.13 -9.95
C ASN A 443 -10.14 -9.36 -11.34
N ARG A 444 -10.50 -8.28 -12.05
CA ARG A 444 -11.19 -8.39 -13.36
C ARG A 444 -10.49 -7.58 -14.45
N TYR A 445 -10.31 -8.16 -15.64
CA TYR A 445 -9.60 -7.48 -16.71
C TYR A 445 -10.39 -7.52 -18.00
N ASP A 446 -11.71 -7.40 -17.88
CA ASP A 446 -12.59 -7.42 -19.06
C ASP A 446 -12.30 -6.24 -20.00
N GLY A 447 -11.90 -6.53 -21.23
CA GLY A 447 -11.48 -5.45 -22.13
C GLY A 447 -9.97 -5.29 -22.19
N TRP A 448 -9.26 -5.98 -21.30
CA TRP A 448 -7.79 -6.10 -21.41
C TRP A 448 -7.30 -7.52 -21.75
N TYR A 449 -7.54 -8.49 -20.86
CA TYR A 449 -7.18 -9.87 -21.17
C TYR A 449 -8.32 -10.47 -21.94
N GLY A 450 -8.51 -10.02 -23.17
CA GLY A 450 -9.65 -10.46 -23.96
C GLY A 450 -10.98 -9.88 -23.52
N SER A 451 -11.99 -10.07 -24.36
CA SER A 451 -13.35 -9.61 -24.08
C SER A 451 -13.48 -8.08 -24.22
N THR A 452 -14.58 -7.56 -23.70
CA THR A 452 -14.98 -6.17 -23.80
C THR A 452 -15.23 -5.75 -22.35
N PRO A 453 -15.09 -4.46 -22.03
CA PRO A 453 -15.41 -4.03 -20.66
C PRO A 453 -16.83 -4.44 -20.24
N LYS A 454 -17.72 -4.64 -21.21
CA LYS A 454 -19.13 -4.95 -20.90
C LYS A 454 -19.29 -6.24 -20.10
N THR A 455 -18.38 -7.18 -20.24
CA THR A 455 -18.49 -8.40 -19.45
C THR A 455 -18.19 -8.20 -17.95
N LEU A 456 -17.58 -7.06 -17.58
CA LEU A 456 -17.48 -6.71 -16.15
C LEU A 456 -18.88 -6.44 -15.59
N ALA A 457 -19.67 -5.70 -16.35
CA ALA A 457 -21.05 -5.40 -15.93
C ALA A 457 -21.87 -6.69 -15.78
N THR A 458 -21.75 -7.60 -16.73
CA THR A 458 -22.48 -8.87 -16.67
C THR A 458 -22.06 -9.69 -15.46
N PHE A 459 -20.74 -9.75 -15.22
CA PHE A 459 -20.23 -10.48 -14.06
C PHE A 459 -20.77 -9.90 -12.75
N LEU A 460 -20.61 -8.60 -12.54
CA LEU A 460 -21.08 -7.93 -11.32
C LEU A 460 -22.58 -8.15 -11.07
N ASP A 461 -23.39 -7.94 -12.12
CA ASP A 461 -24.85 -8.04 -11.99
C ASP A 461 -25.29 -9.49 -11.70
N ARG A 462 -24.67 -10.45 -12.37
CA ARG A 462 -25.04 -11.85 -12.24
C ARG A 462 -24.60 -12.38 -10.87
N THR A 463 -23.39 -12.01 -10.46
CA THR A 463 -22.91 -12.40 -9.13
C THR A 463 -23.78 -11.82 -8.02
N HIS A 464 -24.15 -10.54 -8.15
CA HIS A 464 -24.93 -9.88 -7.14
C HIS A 464 -26.32 -10.49 -7.02
N LYS A 465 -26.88 -10.92 -8.15
CA LYS A 465 -28.23 -11.52 -8.19
C LYS A 465 -28.28 -12.96 -7.67
N LYS A 466 -27.30 -13.76 -8.06
CA LYS A 466 -27.15 -15.14 -7.62
C LYS A 466 -26.75 -15.27 -6.14
N HIS A 467 -25.97 -14.31 -5.62
CA HIS A 467 -25.44 -14.36 -4.25
C HIS A 467 -25.67 -13.01 -3.56
N PRO A 468 -26.94 -12.71 -3.24
CA PRO A 468 -27.31 -11.40 -2.74
C PRO A 468 -26.71 -11.05 -1.37
N GLU A 469 -26.15 -12.04 -0.67
CA GLU A 469 -25.54 -11.77 0.65
C GLU A 469 -24.08 -11.33 0.58
N LEU A 470 -23.45 -11.52 -0.56
CA LEU A 470 -22.05 -11.16 -0.72
C LEU A 470 -21.88 -9.66 -0.77
N ARG A 471 -20.82 -9.18 -0.14
N ARG A 471 -20.85 -9.17 -0.10
CA ARG A 471 -20.42 -7.78 -0.27
CA ARG A 471 -20.42 -7.78 -0.25
C ARG A 471 -19.34 -7.69 -1.33
C ARG A 471 -19.35 -7.77 -1.34
N ILE A 472 -19.75 -7.39 -2.54
CA ILE A 472 -18.88 -7.52 -3.71
C ILE A 472 -18.00 -6.29 -3.97
N GLY A 473 -16.69 -6.48 -4.14
CA GLY A 473 -15.83 -5.36 -4.55
C GLY A 473 -15.05 -5.75 -5.79
N ILE A 474 -14.27 -4.80 -6.32
CA ILE A 474 -13.32 -5.12 -7.40
C ILE A 474 -11.92 -4.81 -6.91
N SER A 475 -11.12 -5.86 -6.69
CA SER A 475 -9.84 -5.70 -5.98
C SER A 475 -8.72 -5.31 -6.95
N GLU A 476 -8.97 -5.54 -8.24
CA GLU A 476 -8.09 -5.12 -9.33
C GLU A 476 -8.87 -4.95 -10.61
N TYR A 477 -8.62 -3.86 -11.34
CA TYR A 477 -9.02 -3.78 -12.74
C TYR A 477 -8.03 -2.81 -13.40
N GLY A 478 -7.61 -3.11 -14.63
CA GLY A 478 -6.66 -2.21 -15.30
C GLY A 478 -6.24 -2.70 -16.68
N ALA A 479 -5.34 -1.92 -17.29
CA ALA A 479 -4.88 -2.19 -18.62
C ALA A 479 -3.49 -1.58 -18.78
N GLY A 480 -2.68 -2.18 -19.64
CA GLY A 480 -1.29 -1.69 -19.79
C GLY A 480 -1.19 -0.50 -20.72
N ALA A 481 -0.16 0.31 -20.52
CA ALA A 481 0.13 1.43 -21.44
C ALA A 481 1.56 1.83 -21.30
N SER A 482 2.21 2.00 -22.45
CA SER A 482 3.48 2.71 -22.54
C SER A 482 3.19 4.12 -23.06
N ILE A 483 3.81 5.10 -22.43
CA ILE A 483 3.69 6.49 -22.88
C ILE A 483 4.38 6.68 -24.21
N TYR A 484 5.19 5.69 -24.64
CA TYR A 484 5.90 5.78 -25.93
C TYR A 484 5.21 5.03 -27.07
N HIS A 485 4.07 4.42 -26.78
CA HIS A 485 3.33 3.71 -27.82
C HIS A 485 2.08 4.51 -28.12
N GLN A 486 2.04 5.15 -29.29
CA GLN A 486 0.92 6.05 -29.59
C GLN A 486 0.43 5.77 -30.99
N GLN A 487 -0.88 5.82 -31.16
CA GLN A 487 -1.48 5.67 -32.49
C GLN A 487 -2.77 6.46 -32.57
N ASP A 488 -3.03 6.98 -33.75
CA ASP A 488 -4.18 7.81 -34.04
C ASP A 488 -5.55 7.12 -33.85
N SER A 489 -5.61 5.81 -34.09
CA SER A 489 -6.88 5.10 -34.09
C SER A 489 -7.00 4.21 -32.85
N LEU A 490 -8.23 3.91 -32.46
CA LEU A 490 -8.44 3.07 -31.30
C LEU A 490 -8.53 1.62 -31.76
N LYS A 491 -7.56 0.80 -31.37
CA LYS A 491 -7.72 -0.65 -31.57
C LYS A 491 -7.10 -1.47 -30.43
N GLN A 492 -7.79 -2.54 -30.05
CA GLN A 492 -7.41 -3.34 -28.91
C GLN A 492 -6.12 -4.06 -29.22
N PRO A 493 -5.09 -3.88 -28.37
CA PRO A 493 -3.84 -4.60 -28.58
C PRO A 493 -3.87 -5.99 -27.93
N SER A 494 -2.94 -6.84 -28.35
CA SER A 494 -2.67 -8.09 -27.66
C SER A 494 -2.02 -7.78 -26.27
N ALA A 495 -2.67 -8.22 -25.20
CA ALA A 495 -2.17 -7.94 -23.85
C ALA A 495 -0.70 -8.38 -23.67
N SER A 496 -0.35 -9.54 -24.18
CA SER A 496 0.97 -10.11 -23.89
C SER A 496 2.04 -9.65 -24.88
N GLY A 497 1.66 -8.76 -25.80
CA GLY A 497 2.57 -8.31 -26.86
C GLY A 497 3.40 -7.07 -26.51
N TRP A 498 4.23 -6.66 -27.45
CA TRP A 498 5.15 -5.55 -27.28
C TRP A 498 4.58 -4.23 -27.82
N TRP A 499 3.26 -4.09 -27.76
CA TRP A 499 2.60 -2.87 -28.24
C TRP A 499 1.41 -2.56 -27.33
N HIS A 500 1.58 -1.55 -26.47
CA HIS A 500 0.56 -1.17 -25.50
C HIS A 500 0.25 0.32 -25.68
N PRO A 501 -0.54 0.66 -26.72
CA PRO A 501 -0.83 2.07 -27.02
C PRO A 501 -1.60 2.72 -25.87
N GLU A 502 -1.19 3.93 -25.50
CA GLU A 502 -1.75 4.60 -24.35
C GLU A 502 -3.27 4.81 -24.51
N ASN A 503 -3.74 5.07 -25.74
CA ASN A 503 -5.19 5.32 -25.91
C ASN A 503 -6.08 4.16 -25.50
N TRP A 504 -5.57 2.93 -25.60
CA TRP A 504 -6.38 1.77 -25.18
C TRP A 504 -6.55 1.75 -23.67
N GLN A 505 -5.49 2.04 -22.91
CA GLN A 505 -5.63 2.18 -21.47
C GLN A 505 -6.66 3.25 -21.06
N THR A 506 -6.60 4.40 -21.73
CA THR A 506 -7.56 5.49 -21.48
C THR A 506 -9.00 5.00 -21.72
N TYR A 507 -9.20 4.36 -22.85
CA TYR A 507 -10.50 3.81 -23.20
C TYR A 507 -10.99 2.78 -22.19
N TYR A 508 -10.09 1.84 -21.87
CA TYR A 508 -10.39 0.84 -20.84
C TYR A 508 -10.90 1.48 -19.53
N HIS A 509 -10.20 2.47 -19.00
CA HIS A 509 -10.61 3.05 -17.73
C HIS A 509 -11.90 3.87 -17.82
N MET A 510 -12.08 4.58 -18.91
CA MET A 510 -13.31 5.34 -19.07
C MET A 510 -14.50 4.37 -19.07
N GLU A 511 -14.46 3.31 -19.86
CA GLU A 511 -15.60 2.35 -19.94
C GLU A 511 -15.86 1.57 -18.65
N ASN A 512 -14.77 1.13 -18.01
CA ASN A 512 -14.89 0.39 -16.76
C ASN A 512 -15.41 1.28 -15.63
N TRP A 513 -14.89 2.50 -15.56
CA TRP A 513 -15.38 3.42 -14.54
C TRP A 513 -16.89 3.72 -14.65
N LYS A 514 -17.39 3.85 -15.88
CA LYS A 514 -18.83 4.06 -16.10
C LYS A 514 -19.65 2.89 -15.58
N ILE A 515 -19.13 1.68 -15.75
CA ILE A 515 -19.81 0.49 -15.21
C ILE A 515 -19.85 0.52 -13.68
N ILE A 516 -18.70 0.80 -13.08
CA ILE A 516 -18.57 0.89 -11.62
C ILE A 516 -19.46 1.99 -11.01
N ALA A 517 -19.38 3.21 -11.56
CA ALA A 517 -20.12 4.37 -11.06
C ALA A 517 -21.63 4.11 -10.93
N GLU A 518 -22.18 3.27 -11.81
CA GLU A 518 -23.61 2.96 -11.85
C GLU A 518 -24.03 1.86 -10.87
N ARG A 519 -23.07 1.29 -10.12
CA ARG A 519 -23.36 0.11 -9.31
C ARG A 519 -22.98 0.29 -7.86
N PRO A 520 -23.87 0.91 -7.06
CA PRO A 520 -23.48 1.24 -5.70
C PRO A 520 -23.36 0.01 -4.80
N PHE A 521 -23.90 -1.14 -5.21
CA PHE A 521 -23.66 -2.39 -4.42
C PHE A 521 -22.16 -2.81 -4.39
N VAL A 522 -21.36 -2.24 -5.28
CA VAL A 522 -19.95 -2.54 -5.34
C VAL A 522 -19.28 -1.65 -4.28
N TRP A 523 -18.83 -2.24 -3.18
CA TRP A 523 -18.40 -1.44 -2.05
C TRP A 523 -17.08 -0.72 -2.25
N GLY A 524 -16.25 -1.20 -3.15
CA GLY A 524 -14.96 -0.53 -3.34
C GLY A 524 -14.40 -1.07 -4.62
N THR A 525 -13.67 -0.25 -5.35
CA THR A 525 -12.96 -0.72 -6.54
C THR A 525 -11.56 -0.17 -6.48
N PHE A 526 -10.57 -0.95 -6.94
CA PHE A 526 -9.18 -0.55 -6.82
C PHE A 526 -8.46 -0.77 -8.15
N VAL A 527 -7.99 0.31 -8.74
CA VAL A 527 -7.29 0.25 -10.00
C VAL A 527 -6.00 -0.51 -9.81
N TRP A 528 -5.77 -1.45 -10.71
CA TRP A 528 -4.44 -2.06 -10.82
C TRP A 528 -3.73 -1.35 -11.99
N ASN A 529 -2.76 -0.46 -11.75
CA ASN A 529 -2.20 -0.15 -10.46
C ASN A 529 -1.99 1.36 -10.53
N MET A 530 -1.76 2.03 -9.40
CA MET A 530 -1.47 3.45 -9.45
C MET A 530 -0.19 3.70 -10.25
N PHE A 531 0.83 2.85 -10.03
CA PHE A 531 2.15 2.99 -10.71
C PHE A 531 2.56 1.74 -11.45
N ASP A 532 3.26 1.92 -12.57
CA ASP A 532 3.98 0.81 -13.19
C ASP A 532 4.86 0.21 -12.12
N PHE A 533 5.07 -1.08 -12.17
CA PHE A 533 5.93 -1.69 -11.15
C PHE A 533 6.79 -2.84 -11.69
N GLY A 534 7.75 -3.28 -10.90
CA GLY A 534 8.68 -4.31 -11.35
C GLY A 534 8.10 -5.73 -11.29
N ALA A 535 8.26 -6.46 -12.38
CA ALA A 535 7.96 -7.87 -12.42
C ALA A 535 8.89 -8.48 -13.47
N ALA A 536 10.01 -9.07 -12.99
CA ALA A 536 11.13 -9.46 -13.87
C ALA A 536 10.73 -10.38 -15.04
N HIS A 537 9.73 -11.23 -14.85
CA HIS A 537 9.33 -12.19 -15.85
C HIS A 537 8.45 -11.59 -16.94
N ARG A 538 7.93 -10.38 -16.74
CA ARG A 538 7.07 -9.76 -17.79
C ARG A 538 7.84 -9.48 -19.09
N THR A 539 7.19 -9.70 -20.23
CA THR A 539 7.81 -9.46 -21.53
C THR A 539 6.75 -8.81 -22.45
N GLU A 540 6.35 -7.59 -22.09
CA GLU A 540 5.23 -6.91 -22.79
C GLU A 540 5.37 -5.39 -22.72
N GLY A 541 4.57 -4.66 -23.52
CA GLY A 541 4.69 -3.20 -23.49
C GLY A 541 6.02 -2.71 -24.05
N ASP A 542 6.60 -1.66 -23.47
CA ASP A 542 7.71 -1.03 -24.14
C ASP A 542 9.10 -1.52 -23.66
N ARG A 543 9.11 -2.44 -22.70
CA ARG A 543 10.36 -3.00 -22.18
C ARG A 543 10.08 -4.20 -21.27
N PRO A 544 11.01 -5.17 -21.23
CA PRO A 544 10.81 -6.33 -20.36
C PRO A 544 10.90 -5.95 -18.88
N GLY A 545 10.30 -6.77 -18.02
CA GLY A 545 10.53 -6.65 -16.57
C GLY A 545 9.60 -5.69 -15.86
N ILE A 546 8.59 -5.22 -16.59
CA ILE A 546 7.71 -4.20 -16.07
C ILE A 546 6.24 -4.60 -16.23
N ASN A 547 5.46 -4.45 -15.17
CA ASN A 547 4.00 -4.47 -15.33
C ASN A 547 3.56 -3.00 -15.58
N ASP A 548 3.11 -2.70 -16.79
CA ASP A 548 2.83 -1.30 -17.19
C ASP A 548 1.35 -0.91 -17.08
N LYS A 549 0.68 -1.46 -16.09
CA LYS A 549 -0.72 -1.09 -15.86
C LYS A 549 -0.88 0.16 -15.01
N GLY A 550 0.23 0.80 -14.68
CA GLY A 550 0.16 2.03 -13.88
C GLY A 550 -0.61 3.16 -14.56
N LEU A 551 -1.25 4.00 -13.75
CA LEU A 551 -1.78 5.30 -14.23
C LEU A 551 -0.65 6.33 -14.27
N VAL A 552 0.47 6.00 -13.62
CA VAL A 552 1.66 6.85 -13.56
C VAL A 552 2.88 5.96 -13.82
N THR A 553 3.94 6.49 -14.44
CA THR A 553 5.09 5.66 -14.76
C THR A 553 5.91 5.27 -13.51
N PHE A 554 6.82 4.32 -13.72
CA PHE A 554 7.59 3.64 -12.63
C PHE A 554 8.48 4.59 -11.85
N ASP A 555 8.97 5.62 -12.52
CA ASP A 555 9.83 6.61 -11.88
C ASP A 555 8.94 7.74 -11.28
N ARG A 556 7.61 7.60 -11.38
CA ARG A 556 6.67 8.62 -10.84
C ARG A 556 6.71 9.97 -11.57
N LYS A 557 7.31 10.02 -12.73
CA LYS A 557 7.49 11.26 -13.47
C LYS A 557 6.31 11.66 -14.38
N VAL A 558 5.70 10.69 -15.01
CA VAL A 558 4.72 10.96 -16.06
C VAL A 558 3.37 10.38 -15.74
N ARG A 559 2.34 11.24 -15.76
CA ARG A 559 0.96 10.82 -15.52
C ARG A 559 0.37 10.48 -16.86
N LYS A 560 -0.19 9.27 -17.00
CA LYS A 560 -0.77 8.80 -18.27
C LYS A 560 -2.18 9.44 -18.41
N ASP A 561 -2.77 9.42 -19.60
CA ASP A 561 -4.05 10.13 -19.78
C ASP A 561 -5.11 9.70 -18.75
N ALA A 562 -5.15 8.40 -18.44
CA ALA A 562 -6.17 7.87 -17.51
C ALA A 562 -6.15 8.54 -16.15
N PHE A 563 -4.95 8.90 -15.67
CA PHE A 563 -4.81 9.64 -14.40
C PHE A 563 -5.69 10.90 -14.39
N TYR A 564 -5.70 11.64 -15.49
CA TYR A 564 -6.47 12.87 -15.54
C TYR A 564 -7.96 12.62 -15.75
N PHE A 565 -8.31 11.53 -16.42
CA PHE A 565 -9.72 11.17 -16.45
C PHE A 565 -10.24 10.96 -15.02
N TYR A 566 -9.47 10.26 -14.17
CA TYR A 566 -9.90 10.01 -12.80
C TYR A 566 -9.81 11.29 -12.02
N LYS A 567 -8.75 12.09 -12.25
CA LYS A 567 -8.64 13.35 -11.49
C LYS A 567 -9.86 14.25 -11.72
N ALA A 568 -10.33 14.36 -12.96
CA ALA A 568 -11.48 15.23 -13.28
C ALA A 568 -12.74 14.72 -12.61
N ASN A 569 -12.83 13.41 -12.43
CA ASN A 569 -14.06 12.78 -11.91
C ASN A 569 -14.04 12.59 -10.40
N TRP A 570 -12.85 12.51 -9.81
CA TRP A 570 -12.71 12.21 -8.39
C TRP A 570 -12.23 13.41 -7.56
N ASN A 571 -11.56 14.36 -8.18
CA ASN A 571 -11.07 15.55 -7.45
C ASN A 571 -11.76 16.78 -8.05
N LYS A 572 -13.05 16.91 -7.77
CA LYS A 572 -13.86 17.96 -8.39
C LYS A 572 -13.68 19.37 -7.83
N GLN A 573 -12.91 19.53 -6.78
CA GLN A 573 -12.72 20.87 -6.25
C GLN A 573 -11.39 21.54 -6.65
N GLU A 574 -10.61 20.90 -7.50
CA GLU A 574 -9.43 21.57 -8.04
C GLU A 574 -9.72 21.83 -9.51
N PRO A 575 -9.91 23.10 -9.90
CA PRO A 575 -10.20 23.32 -11.32
C PRO A 575 -9.04 22.86 -12.23
N MET A 576 -9.40 22.26 -13.36
CA MET A 576 -8.39 21.73 -14.25
C MET A 576 -8.99 21.57 -15.64
N ILE A 577 -8.14 21.62 -16.66
CA ILE A 577 -8.49 21.06 -17.98
C ILE A 577 -7.28 20.31 -18.54
N TYR A 578 -7.52 19.16 -19.15
CA TYR A 578 -6.43 18.38 -19.71
C TYR A 578 -6.82 17.86 -21.06
N LEU A 579 -6.01 18.17 -22.07
CA LEU A 579 -6.21 17.63 -23.40
C LEU A 579 -5.65 16.22 -23.45
N ALA A 580 -6.49 15.24 -23.80
CA ALA A 580 -6.03 13.87 -23.98
C ALA A 580 -5.23 13.70 -25.29
N GLU A 581 -4.42 12.64 -25.33
CA GLU A 581 -3.68 12.24 -26.55
C GLU A 581 -2.62 13.23 -27.03
N LYS A 582 -2.12 14.06 -26.14
CA LYS A 582 -1.03 14.97 -26.51
C LYS A 582 0.27 14.24 -26.91
N ARG A 583 0.50 13.04 -26.38
CA ARG A 583 1.73 12.33 -26.73
C ARG A 583 1.60 11.71 -28.12
N CYS A 584 0.37 11.62 -28.65
CA CYS A 584 0.18 11.23 -30.05
C CYS A 584 0.38 12.43 -31.00
N ARG A 585 1.64 12.68 -31.35
CA ARG A 585 2.03 13.88 -32.09
C ARG A 585 1.80 13.75 -33.56
N LEU A 586 1.74 12.52 -34.07
CA LEU A 586 1.60 12.33 -35.50
C LEU A 586 0.18 11.88 -35.80
N ARG A 587 -0.53 12.64 -36.63
CA ARG A 587 -1.92 12.33 -36.91
C ARG A 587 -2.05 11.98 -38.39
N TYR A 588 -2.89 10.99 -38.68
CA TYR A 588 -3.07 10.46 -40.02
C TYR A 588 -4.53 10.50 -40.45
N GLN A 589 -5.45 10.35 -39.49
CA GLN A 589 -6.88 10.27 -39.78
C GLN A 589 -7.34 11.58 -40.39
N PRO A 590 -8.13 11.52 -41.47
CA PRO A 590 -8.64 12.78 -42.03
C PRO A 590 -9.57 13.48 -41.03
N GLU A 591 -10.42 12.70 -40.37
CA GLU A 591 -11.34 13.25 -39.39
C GLU A 591 -10.78 13.08 -37.98
N GLN A 592 -10.26 14.15 -37.40
CA GLN A 592 -9.74 14.10 -36.03
C GLN A 592 -10.82 14.32 -34.95
N THR A 593 -10.67 13.57 -33.85
CA THR A 593 -11.44 13.75 -32.62
C THR A 593 -10.51 14.27 -31.53
N PHE A 594 -10.92 15.30 -30.81
CA PHE A 594 -10.16 15.78 -29.67
C PHE A 594 -11.01 15.59 -28.45
N MET A 595 -10.37 15.27 -27.34
N MET A 595 -10.35 15.31 -27.33
CA MET A 595 -11.07 14.98 -26.08
CA MET A 595 -11.01 14.94 -26.08
C MET A 595 -10.32 15.64 -24.91
C MET A 595 -10.30 15.64 -24.91
N ALA A 596 -11.08 16.30 -24.04
CA ALA A 596 -10.51 16.92 -22.85
C ALA A 596 -11.26 16.46 -21.60
N PHE A 597 -10.53 16.38 -20.50
CA PHE A 597 -11.14 16.12 -19.21
C PHE A 597 -11.10 17.42 -18.46
N THR A 598 -12.21 17.81 -17.85
CA THR A 598 -12.24 19.06 -17.13
C THR A 598 -13.30 19.02 -16.02
N THR A 599 -13.11 19.86 -15.02
CA THR A 599 -14.10 20.07 -13.98
C THR A 599 -15.10 21.17 -14.40
N ALA A 600 -14.81 21.86 -15.51
CA ALA A 600 -15.73 22.91 -16.03
C ALA A 600 -16.93 22.31 -16.76
N PRO A 601 -18.05 23.06 -16.88
CA PRO A 601 -19.24 22.52 -17.53
C PRO A 601 -19.15 22.47 -19.04
N GLU A 602 -18.19 23.19 -19.61
CA GLU A 602 -17.94 23.14 -21.04
C GLU A 602 -16.53 23.60 -21.32
N ALA A 603 -16.08 23.46 -22.56
CA ALA A 603 -14.74 23.93 -22.98
C ALA A 603 -14.77 24.32 -24.44
N GLU A 604 -13.78 25.08 -24.86
CA GLU A 604 -13.72 25.56 -26.23
C GLU A 604 -12.45 25.05 -26.88
N LEU A 605 -12.55 24.57 -28.12
CA LEU A 605 -11.36 24.13 -28.86
C LEU A 605 -10.91 25.19 -29.86
N PHE A 606 -9.61 25.37 -29.98
CA PHE A 606 -9.03 26.23 -31.03
C PHE A 606 -8.04 25.40 -31.85
N VAL A 607 -8.05 25.60 -33.16
CA VAL A 607 -7.07 24.94 -34.03
C VAL A 607 -6.38 26.02 -34.86
N ASN A 608 -5.06 26.08 -34.76
CA ASN A 608 -4.30 27.13 -35.44
C ASN A 608 -4.83 28.52 -35.14
N GLY A 609 -5.23 28.72 -33.89
CA GLY A 609 -5.65 30.00 -33.36
C GLY A 609 -7.08 30.41 -33.62
N VAL A 610 -7.85 29.55 -34.29
CA VAL A 610 -9.22 29.81 -34.67
C VAL A 610 -10.16 28.84 -33.94
N SER A 611 -11.16 29.40 -33.25
CA SER A 611 -12.08 28.62 -32.45
C SER A 611 -12.86 27.61 -33.29
N CYS A 612 -12.96 26.39 -32.78
CA CYS A 612 -13.87 25.41 -33.34
C CYS A 612 -15.19 25.39 -32.56
N GLY A 613 -15.28 26.23 -31.54
CA GLY A 613 -16.55 26.33 -30.78
C GLY A 613 -16.54 25.55 -29.48
N LYS A 614 -17.58 25.74 -28.66
CA LYS A 614 -17.65 25.11 -27.34
C LYS A 614 -18.37 23.81 -27.40
N GLN A 615 -17.97 22.91 -26.51
CA GLN A 615 -18.70 21.67 -26.29
C GLN A 615 -18.94 21.47 -24.79
N LYS A 616 -20.01 20.79 -24.48
CA LYS A 616 -20.39 20.58 -23.09
C LYS A 616 -19.64 19.36 -22.58
N ALA A 617 -19.27 19.41 -21.29
CA ALA A 617 -18.75 18.25 -20.57
C ALA A 617 -19.89 17.27 -20.32
N ASP A 618 -19.62 15.97 -20.46
CA ASP A 618 -20.63 14.95 -20.15
C ASP A 618 -20.66 14.64 -18.65
N THR A 619 -21.43 13.63 -18.23
CA THR A 619 -21.51 13.29 -16.80
CA THR A 619 -21.50 13.34 -16.79
C THR A 619 -20.17 12.84 -16.22
N TYR A 620 -19.26 12.43 -17.10
CA TYR A 620 -17.95 11.91 -16.72
C TYR A 620 -16.84 12.92 -17.03
N SER A 621 -17.20 14.21 -17.03
CA SER A 621 -16.21 15.30 -17.05
C SER A 621 -15.39 15.30 -18.33
N THR A 622 -15.98 14.76 -19.40
CA THR A 622 -15.30 14.67 -20.70
CA THR A 622 -15.29 14.71 -20.69
C THR A 622 -15.96 15.58 -21.75
N VAL A 623 -15.14 16.35 -22.46
CA VAL A 623 -15.60 17.18 -23.57
C VAL A 623 -15.00 16.58 -24.84
N VAL A 624 -15.83 16.43 -25.88
CA VAL A 624 -15.37 15.82 -27.14
C VAL A 624 -15.74 16.66 -28.38
N TRP A 625 -14.78 16.89 -29.27
CA TRP A 625 -15.04 17.56 -30.55
C TRP A 625 -14.73 16.53 -31.64
N LYS A 626 -15.63 16.41 -32.61
CA LYS A 626 -15.48 15.44 -33.70
C LYS A 626 -15.34 16.12 -35.06
N ASN A 627 -14.75 15.41 -36.01
CA ASN A 627 -14.58 15.90 -37.38
C ASN A 627 -13.82 17.21 -37.47
N VAL A 628 -12.78 17.31 -36.66
CA VAL A 628 -11.92 18.46 -36.65
C VAL A 628 -10.97 18.29 -37.85
N LYS A 629 -10.82 19.36 -38.63
CA LYS A 629 -10.01 19.35 -39.86
C LYS A 629 -8.65 19.98 -39.60
N LEU A 630 -7.59 19.19 -39.80
CA LEU A 630 -6.24 19.73 -39.61
C LEU A 630 -5.67 20.11 -40.97
N THR A 631 -4.70 21.01 -40.98
CA THR A 631 -4.03 21.35 -42.21
C THR A 631 -2.75 20.48 -42.26
N SER A 632 -2.34 20.09 -43.46
CA SER A 632 -1.15 19.26 -43.62
C SER A 632 0.03 19.93 -42.92
N GLY A 633 0.81 19.16 -42.16
CA GLY A 633 1.93 19.74 -41.42
C GLY A 633 1.60 20.06 -39.96
N GLU A 634 2.29 21.04 -39.39
CA GLU A 634 2.06 21.42 -38.01
C GLU A 634 0.73 22.12 -37.73
N ASN A 635 0.07 21.71 -36.64
CA ASN A 635 -1.17 22.32 -36.14
C ASN A 635 -1.06 22.56 -34.63
N ILE A 636 -1.48 23.74 -34.18
CA ILE A 636 -1.52 24.03 -32.74
C ILE A 636 -2.94 23.80 -32.23
N ILE A 637 -3.09 22.94 -31.21
CA ILE A 637 -4.42 22.58 -30.71
C ILE A 637 -4.50 23.13 -29.29
N ARG A 638 -5.55 23.91 -28.99
CA ARG A 638 -5.64 24.49 -27.64
C ARG A 638 -7.06 24.32 -27.14
N VAL A 639 -7.21 23.98 -25.86
CA VAL A 639 -8.52 23.92 -25.22
C VAL A 639 -8.53 24.87 -24.01
N THR A 640 -9.68 25.52 -23.75
CA THR A 640 -9.76 26.50 -22.66
CA THR A 640 -9.75 26.48 -22.67
C THR A 640 -11.07 26.33 -21.94
N THR A 641 -11.08 26.63 -20.65
CA THR A 641 -12.33 26.59 -19.88
C THR A 641 -13.02 27.96 -20.07
N PRO A 642 -14.29 28.05 -19.70
CA PRO A 642 -15.06 29.31 -19.82
C PRO A 642 -14.55 30.45 -18.94
N GLY A 643 -14.92 31.68 -19.30
CA GLY A 643 -14.62 32.82 -18.43
C GLY A 643 -13.49 33.67 -18.94
N LYS A 644 -13.21 34.77 -18.24
CA LYS A 644 -12.22 35.73 -18.68
C LYS A 644 -10.82 35.39 -18.14
N LYS A 645 -10.78 34.45 -17.20
CA LYS A 645 -9.52 33.91 -16.64
C LYS A 645 -9.48 32.38 -16.79
N PRO A 646 -9.31 31.90 -18.02
CA PRO A 646 -9.52 30.48 -18.19
C PRO A 646 -8.29 29.62 -17.86
N LEU A 647 -8.51 28.32 -17.74
CA LEU A 647 -7.40 27.38 -17.69
C LEU A 647 -7.26 26.85 -19.10
N THR A 648 -6.02 26.56 -19.51
N THR A 648 -6.03 26.49 -19.49
CA THR A 648 -5.76 26.07 -20.85
CA THR A 648 -5.73 26.11 -20.86
C THR A 648 -4.91 24.80 -20.89
C THR A 648 -4.81 24.90 -20.97
N ASP A 649 -5.00 24.08 -22.01
CA ASP A 649 -4.05 23.02 -22.33
C ASP A 649 -3.79 23.09 -23.84
N GLU A 650 -2.61 22.68 -24.27
CA GLU A 650 -2.19 22.96 -25.63
C GLU A 650 -1.24 21.89 -26.11
N VAL A 651 -1.26 21.60 -27.40
CA VAL A 651 -0.27 20.70 -28.01
C VAL A 651 -0.05 21.04 -29.48
N THR A 652 1.17 20.81 -29.98
CA THR A 652 1.40 20.86 -31.41
C THR A 652 1.49 19.45 -31.97
N VAL A 653 0.69 19.17 -32.98
CA VAL A 653 0.71 17.88 -33.62
C VAL A 653 1.08 18.09 -35.07
N GLU A 654 1.43 17.00 -35.76
CA GLU A 654 1.76 17.06 -37.19
C GLU A 654 0.78 16.17 -37.92
N TYR A 655 0.10 16.76 -38.91
CA TYR A 655 -0.85 16.01 -39.67
C TYR A 655 -0.22 15.62 -41.02
N LYS A 656 -0.26 14.33 -41.35
CA LYS A 656 0.41 13.76 -42.52
C LYS A 656 -0.57 12.91 -43.31
N GLU A 657 -0.59 13.09 -44.62
CA GLU A 657 -1.55 12.36 -45.45
C GLU A 657 -1.01 11.02 -46.02
N ASP A 658 0.21 10.64 -45.64
CA ASP A 658 0.84 9.37 -46.06
C ASP A 658 0.46 8.15 -45.20
N ARG A 659 1.08 7.00 -45.51
CA ARG A 659 0.97 5.80 -44.67
C ARG A 659 2.35 5.33 -44.17
N HIS A 662 3.08 0.95 -46.20
CA HIS A 662 1.76 0.35 -45.98
C HIS A 662 0.78 0.49 -47.14
N HIS A 663 0.00 -0.57 -47.36
CA HIS A 663 -0.91 -0.68 -48.51
C HIS A 663 -2.03 0.37 -48.52
N HIS A 664 -2.98 0.27 -47.59
CA HIS A 664 -4.13 1.17 -47.56
C HIS A 664 -4.12 2.09 -46.34
P PO4 B . -1.98 -9.88 -9.73
O1 PO4 B . -1.81 -11.17 -10.52
O2 PO4 B . -3.01 -10.11 -8.63
O3 PO4 B . -0.65 -9.45 -9.11
O4 PO4 B . -2.38 -8.80 -10.72
CL CL C . -2.80 -21.62 -4.68
C1 MPD D . -5.37 -6.46 20.31
C2 MPD D . -4.58 -7.71 19.92
O2 MPD D . -5.52 -8.82 19.96
CM MPD D . -4.08 -7.56 18.49
C3 MPD D . -3.38 -7.93 20.83
C4 MPD D . -3.61 -8.74 22.11
O4 MPD D . -4.03 -10.05 21.79
C5 MPD D . -2.31 -8.85 22.90
C1 MPD E . 9.41 0.56 38.54
C2 MPD E . 9.80 -0.66 39.37
O2 MPD E . 9.38 -0.44 40.76
CM MPD E . 9.12 -1.92 38.84
C3 MPD E . 11.31 -0.83 39.32
C4 MPD E . 12.00 -0.48 40.64
O4 MPD E . 12.07 -1.65 41.43
C5 MPD E . 13.39 0.07 40.40
C1 MPD F . 26.84 -6.20 -5.98
C2 MPD F . 25.46 -5.72 -6.45
O2 MPD F . 25.64 -4.48 -7.15
CM MPD F . 24.83 -6.76 -7.40
C3 MPD F . 24.54 -5.50 -5.25
C4 MPD F . 24.89 -4.20 -4.54
O4 MPD F . 23.70 -3.49 -4.28
C5 MPD F . 25.60 -4.47 -3.23
#